data_3WJA
#
_entry.id   3WJA
#
_cell.length_a   70.213
_cell.length_b   116.138
_cell.length_c   182.403
_cell.angle_alpha   90.00
_cell.angle_beta   90.00
_cell.angle_gamma   90.00
#
_symmetry.space_group_name_H-M   'P 2 21 21'
#
loop_
_entity.id
_entity.type
_entity.pdbx_description
1 polymer 'NADP-dependent malic enzyme'
2 water water
#
_entity_poly.entity_id   1
_entity_poly.type   'polypeptide(L)'
_entity_poly.pdbx_seq_one_letter_code
;MEPEAPRRRHTHQRGYLLTRNPHLNKDLAFTLEERQQLNIHGLLPPSFNSQEIQVLRVVKNFEHLNSDFDRYLLLMDLQD
RNEKLFYRVLTSDIEKFMPIVYTPTVGLACQQYSLVFRKPRGLFITIHDRGHIASVLNAWPEDVIKAIVVTDGERILGLG
DLGCNGMGIPVGKLALYTACGGMNPQECLPVILDVGTENEELLKDPLYIGLRQRRVRGSEYDDFLDEFMEAVSSKYGMNC
LIQFEDFANVNAFRLLNKYRNQYCTFNDDIQGTASVAVAGLLAALRITKNKLSDQTILFQGAGEAALGIAHLIVMALEKE
GLPKEKAIKKIWLVDSKGLIVKGRASLTQEKEKFAHEHEEMKNLEAIVQEIKPTALIGVAAIGGAFSEQILKDMAAFNER
PIIFALSNPTSKAECSAEQCYKITKGRAIFASGSPFDPVTLPNGQTLYPGQGNNSYVFPGVALGVVACGLRQITDNIFLT
TAEVIAQQVSDKHLEEGRLYPPLNTIRDVSLKIAEKIVKDAYQEKTATVYPEPQNKEAFVRSQMYSTDYDQILPDCYSWP
EEVQKIQTKVDQLEHHHHHH
;
_entity_poly.pdbx_strand_id   A,B
#
# COMPACT_ATOMS: atom_id res chain seq x y z
N ARG A 8 -24.80 -16.85 -2.79
CA ARG A 8 -25.30 -15.71 -2.04
C ARG A 8 -25.36 -14.47 -2.93
N ARG A 9 -24.21 -14.09 -3.47
CA ARG A 9 -24.08 -12.85 -4.22
C ARG A 9 -24.15 -13.07 -5.72
N HIS A 10 -24.49 -12.00 -6.44
CA HIS A 10 -24.48 -11.99 -7.89
C HIS A 10 -23.84 -10.68 -8.34
N THR A 11 -23.12 -10.72 -9.45
CA THR A 11 -22.42 -9.53 -9.93
C THR A 11 -22.22 -9.59 -11.44
N HIS A 12 -22.29 -8.43 -12.07
CA HIS A 12 -22.09 -8.32 -13.51
C HIS A 12 -20.69 -7.81 -13.79
N GLN A 13 -19.96 -7.46 -12.73
CA GLN A 13 -18.59 -6.98 -12.87
C GLN A 13 -17.65 -8.14 -13.19
N ARG A 14 -16.71 -7.89 -14.10
CA ARG A 14 -15.83 -8.94 -14.61
C ARG A 14 -14.43 -8.40 -14.90
N GLY A 15 -13.47 -9.30 -15.03
CA GLY A 15 -12.15 -8.94 -15.50
C GLY A 15 -11.36 -8.11 -14.52
N TYR A 16 -10.44 -7.32 -15.06
CA TYR A 16 -9.52 -6.51 -14.27
C TYR A 16 -10.23 -5.70 -13.20
N LEU A 17 -11.33 -5.05 -13.59
CA LEU A 17 -12.01 -4.12 -12.68
C LEU A 17 -12.56 -4.82 -11.44
N LEU A 18 -12.89 -6.10 -11.56
CA LEU A 18 -13.38 -6.89 -10.43
C LEU A 18 -12.31 -6.94 -9.33
N THR A 19 -11.07 -7.19 -9.72
CA THR A 19 -9.95 -7.26 -8.79
C THR A 19 -9.71 -5.91 -8.09
N ARG A 20 -10.27 -4.85 -8.64
CA ARG A 20 -10.12 -3.51 -8.07
C ARG A 20 -11.26 -3.16 -7.11
N ASN A 21 -12.25 -4.05 -7.02
CA ASN A 21 -13.37 -3.92 -6.09
C ASN A 21 -13.08 -4.74 -4.82
N PRO A 22 -12.78 -4.06 -3.69
CA PRO A 22 -12.40 -4.80 -2.47
C PRO A 22 -13.54 -5.63 -1.86
N HIS A 23 -14.77 -5.39 -2.28
CA HIS A 23 -15.92 -6.14 -1.79
C HIS A 23 -16.04 -7.50 -2.47
N LEU A 24 -15.47 -7.61 -3.67
CA LEU A 24 -15.58 -8.80 -4.50
C LEU A 24 -14.24 -9.52 -4.63
N ASN A 25 -13.15 -8.78 -4.46
CA ASN A 25 -11.82 -9.33 -4.70
C ASN A 25 -11.41 -10.33 -3.63
N LYS A 26 -11.00 -11.53 -4.08
CA LYS A 26 -10.58 -12.60 -3.18
C LYS A 26 -9.08 -12.89 -3.28
N ASP A 27 -8.37 -12.16 -4.13
CA ASP A 27 -6.95 -12.40 -4.37
C ASP A 27 -6.72 -13.86 -4.76
N LEU A 28 -5.84 -14.55 -4.04
CA LEU A 28 -5.47 -15.92 -4.38
C LEU A 28 -6.50 -16.92 -3.87
N ALA A 29 -7.52 -16.44 -3.16
CA ALA A 29 -8.61 -17.29 -2.70
C ALA A 29 -9.54 -17.65 -3.86
N PHE A 30 -9.41 -16.93 -4.97
CA PHE A 30 -10.11 -17.28 -6.20
C PHE A 30 -9.65 -18.64 -6.69
N THR A 31 -10.60 -19.55 -6.91
CA THR A 31 -10.30 -20.85 -7.48
C THR A 31 -10.03 -20.69 -8.97
N LEU A 32 -9.48 -21.72 -9.61
CA LEU A 32 -9.21 -21.67 -11.03
C LEU A 32 -10.52 -21.50 -11.80
N GLU A 33 -11.53 -22.29 -11.43
CA GLU A 33 -12.86 -22.19 -12.02
C GLU A 33 -13.33 -20.74 -11.99
N GLU A 34 -13.29 -20.12 -10.82
CA GLU A 34 -13.69 -18.74 -10.64
C GLU A 34 -12.92 -17.80 -11.57
N ARG A 35 -11.59 -17.94 -11.57
CA ARG A 35 -10.74 -17.07 -12.38
C ARG A 35 -11.12 -17.15 -13.85
N GLN A 36 -11.27 -18.36 -14.35
CA GLN A 36 -11.61 -18.55 -15.75
C GLN A 36 -12.97 -17.95 -16.05
N GLN A 37 -13.96 -18.26 -15.22
CA GLN A 37 -15.32 -17.77 -15.45
C GLN A 37 -15.40 -16.25 -15.39
N LEU A 38 -14.57 -15.62 -14.57
CA LEU A 38 -14.62 -14.17 -14.37
C LEU A 38 -13.67 -13.39 -15.27
N ASN A 39 -12.95 -14.11 -16.14
CA ASN A 39 -12.03 -13.48 -17.09
C ASN A 39 -10.84 -12.80 -16.41
N ILE A 40 -10.23 -13.47 -15.44
CA ILE A 40 -9.07 -12.91 -14.73
C ILE A 40 -7.92 -13.93 -14.62
N HIS A 41 -8.10 -15.10 -15.22
CA HIS A 41 -7.05 -16.11 -15.21
C HIS A 41 -5.81 -15.55 -15.90
N GLY A 42 -4.70 -15.50 -15.17
CA GLY A 42 -3.47 -14.92 -15.67
C GLY A 42 -3.10 -13.64 -14.96
N LEU A 43 -4.10 -12.99 -14.35
CA LEU A 43 -3.86 -11.77 -13.59
C LEU A 43 -3.36 -12.05 -12.17
N LEU A 44 -3.33 -13.34 -11.81
CA LEU A 44 -2.88 -13.75 -10.48
C LEU A 44 -1.88 -14.89 -10.58
N PRO A 45 -0.99 -15.02 -9.59
CA PRO A 45 -0.10 -16.19 -9.51
C PRO A 45 -0.89 -17.50 -9.55
N PRO A 46 -0.25 -18.59 -10.02
CA PRO A 46 -0.93 -19.87 -10.19
C PRO A 46 -0.99 -20.70 -8.90
N SER A 47 -1.19 -20.03 -7.77
CA SER A 47 -1.40 -20.70 -6.49
C SER A 47 -2.79 -20.34 -5.97
N PHE A 48 -3.37 -21.23 -5.17
CA PHE A 48 -4.73 -21.05 -4.67
C PHE A 48 -4.75 -21.23 -3.15
N ASN A 49 -5.08 -20.15 -2.44
CA ASN A 49 -4.96 -20.14 -0.99
C ASN A 49 -6.32 -20.20 -0.29
N SER A 50 -6.36 -20.95 0.80
CA SER A 50 -7.48 -20.86 1.71
C SER A 50 -7.40 -19.51 2.40
N GLN A 51 -8.47 -19.10 3.06
CA GLN A 51 -8.47 -17.85 3.80
C GLN A 51 -7.43 -17.91 4.91
N GLU A 52 -7.20 -19.10 5.44
CA GLU A 52 -6.27 -19.27 6.56
C GLU A 52 -4.85 -18.95 6.13
N ILE A 53 -4.48 -19.35 4.92
CA ILE A 53 -3.17 -19.03 4.36
C ILE A 53 -3.05 -17.53 4.10
N GLN A 54 -4.12 -16.91 3.64
CA GLN A 54 -4.12 -15.48 3.40
C GLN A 54 -3.85 -14.73 4.70
N VAL A 55 -4.48 -15.17 5.78
CA VAL A 55 -4.26 -14.54 7.08
C VAL A 55 -2.81 -14.71 7.50
N LEU A 56 -2.29 -15.92 7.35
CA LEU A 56 -0.91 -16.22 7.72
C LEU A 56 0.06 -15.24 7.06
N ARG A 57 -0.15 -14.96 5.79
CA ARG A 57 0.73 -14.06 5.05
C ARG A 57 0.64 -12.66 5.64
N VAL A 58 -0.59 -12.19 5.88
CA VAL A 58 -0.81 -10.84 6.41
C VAL A 58 -0.17 -10.69 7.79
N VAL A 59 -0.35 -11.70 8.63
CA VAL A 59 0.18 -11.66 9.99
C VAL A 59 1.70 -11.67 9.98
N LYS A 60 2.31 -12.45 9.09
CA LYS A 60 3.77 -12.49 8.97
C LYS A 60 4.32 -11.11 8.60
N ASN A 61 3.65 -10.44 7.67
CA ASN A 61 4.04 -9.07 7.31
C ASN A 61 3.83 -8.16 8.50
N PHE A 62 2.72 -8.37 9.19
CA PHE A 62 2.34 -7.56 10.35
C PHE A 62 3.41 -7.60 11.45
N GLU A 63 3.91 -8.79 11.76
CA GLU A 63 4.85 -8.95 12.86
C GLU A 63 6.26 -8.47 12.49
N HIS A 64 6.55 -8.38 11.19
CA HIS A 64 7.86 -7.92 10.73
C HIS A 64 7.99 -6.40 10.76
N LEU A 65 6.86 -5.70 10.91
CA LEU A 65 6.87 -4.25 11.00
C LEU A 65 7.30 -3.85 12.39
N ASN A 66 7.77 -2.62 12.54
CA ASN A 66 8.43 -2.18 13.77
C ASN A 66 7.67 -1.12 14.56
N SER A 67 6.54 -0.67 14.04
CA SER A 67 5.68 0.29 14.75
C SER A 67 4.21 -0.03 14.51
N ASP A 68 3.36 0.43 15.41
CA ASP A 68 1.93 0.21 15.27
C ASP A 68 1.40 1.03 14.10
N PHE A 69 2.06 2.15 13.82
CA PHE A 69 1.63 3.00 12.73
C PHE A 69 1.81 2.26 11.41
N ASP A 70 2.98 1.66 11.20
CA ASP A 70 3.25 0.91 9.98
C ASP A 70 2.26 -0.26 9.88
N ARG A 71 1.90 -0.80 11.03
CA ARG A 71 0.92 -1.88 11.10
C ARG A 71 -0.47 -1.39 10.70
N TYR A 72 -0.81 -0.20 11.16
CA TYR A 72 -2.07 0.44 10.80
C TYR A 72 -2.16 0.60 9.28
N LEU A 73 -1.07 1.10 8.67
CA LEU A 73 -1.04 1.33 7.23
C LEU A 73 -1.23 0.04 6.46
N LEU A 74 -0.60 -1.02 6.94
CA LEU A 74 -0.72 -2.34 6.33
C LEU A 74 -2.18 -2.78 6.29
N LEU A 75 -2.84 -2.77 7.45
CA LEU A 75 -4.22 -3.24 7.55
C LEU A 75 -5.19 -2.36 6.77
N MET A 76 -4.89 -1.08 6.64
CA MET A 76 -5.71 -0.18 5.82
C MET A 76 -5.57 -0.50 4.34
N ASP A 77 -4.35 -0.80 3.90
CA ASP A 77 -4.15 -1.21 2.51
C ASP A 77 -5.01 -2.43 2.25
N LEU A 78 -4.95 -3.39 3.17
CA LEU A 78 -5.67 -4.64 3.05
C LEU A 78 -7.18 -4.41 2.93
N GLN A 79 -7.71 -3.47 3.71
CA GLN A 79 -9.13 -3.14 3.64
C GLN A 79 -9.46 -2.63 2.26
N ASP A 80 -8.56 -1.83 1.69
CA ASP A 80 -8.83 -1.20 0.40
C ASP A 80 -8.58 -2.15 -0.75
N ARG A 81 -8.10 -3.36 -0.44
CA ARG A 81 -7.81 -4.37 -1.46
C ARG A 81 -8.77 -5.57 -1.39
N ASN A 82 -9.01 -6.07 -0.17
CA ASN A 82 -9.78 -7.29 0.05
C ASN A 82 -10.53 -7.21 1.38
N GLU A 83 -11.79 -6.78 1.32
CA GLU A 83 -12.57 -6.47 2.51
C GLU A 83 -12.75 -7.68 3.42
N LYS A 84 -13.08 -8.84 2.84
CA LYS A 84 -13.34 -10.03 3.63
C LYS A 84 -12.11 -10.50 4.40
N LEU A 85 -10.96 -10.46 3.74
CA LEU A 85 -9.72 -10.91 4.33
C LEU A 85 -9.32 -9.94 5.46
N PHE A 86 -9.61 -8.66 5.25
CA PHE A 86 -9.36 -7.62 6.25
C PHE A 86 -10.08 -7.95 7.56
N TYR A 87 -11.39 -8.12 7.50
CA TYR A 87 -12.18 -8.39 8.70
C TYR A 87 -11.87 -9.76 9.28
N ARG A 88 -11.48 -10.69 8.42
CA ARG A 88 -11.10 -12.02 8.84
C ARG A 88 -9.88 -11.93 9.74
N VAL A 89 -8.91 -11.13 9.31
CA VAL A 89 -7.69 -10.90 10.07
C VAL A 89 -8.01 -10.25 11.41
N LEU A 90 -8.82 -9.19 11.36
CA LEU A 90 -9.23 -8.49 12.56
C LEU A 90 -9.88 -9.44 13.58
N THR A 91 -10.75 -10.32 13.09
CA THR A 91 -11.50 -11.21 13.96
C THR A 91 -10.68 -12.45 14.37
N SER A 92 -9.50 -12.61 13.78
CA SER A 92 -8.62 -13.72 14.13
C SER A 92 -7.98 -13.46 15.50
N ASP A 93 -7.83 -12.19 15.83
CA ASP A 93 -7.27 -11.78 17.12
C ASP A 93 -7.73 -10.35 17.40
N ILE A 94 -8.98 -10.21 17.79
CA ILE A 94 -9.61 -8.90 17.92
C ILE A 94 -8.93 -8.03 18.97
N GLU A 95 -8.48 -8.65 20.05
CA GLU A 95 -7.80 -7.91 21.12
C GLU A 95 -6.53 -7.28 20.59
N LYS A 96 -5.86 -7.99 19.69
CA LYS A 96 -4.61 -7.55 19.11
C LYS A 96 -4.80 -6.44 18.08
N PHE A 97 -5.84 -6.57 17.24
CA PHE A 97 -5.96 -5.68 16.08
C PHE A 97 -6.87 -4.48 16.30
N MET A 98 -7.71 -4.53 17.33
CA MET A 98 -8.56 -3.39 17.66
C MET A 98 -7.74 -2.11 17.92
N PRO A 99 -6.74 -2.18 18.81
CA PRO A 99 -6.01 -0.94 19.11
C PRO A 99 -5.11 -0.46 17.97
N ILE A 100 -5.06 -1.21 16.88
CA ILE A 100 -4.31 -0.81 15.67
C ILE A 100 -5.21 -0.05 14.69
N VAL A 101 -6.39 -0.61 14.40
CA VAL A 101 -7.32 0.01 13.46
C VAL A 101 -8.13 1.13 14.10
N TYR A 102 -8.25 1.07 15.43
CA TYR A 102 -8.95 2.11 16.18
C TYR A 102 -8.01 2.68 17.25
N THR A 103 -8.56 3.33 18.28
CA THR A 103 -7.76 3.95 19.33
C THR A 103 -6.82 2.94 20.01
N PRO A 104 -5.60 3.35 20.35
CA PRO A 104 -5.00 4.69 20.22
C PRO A 104 -4.26 4.95 18.90
N THR A 105 -4.02 3.92 18.10
CA THR A 105 -3.20 4.10 16.90
C THR A 105 -3.86 5.01 15.87
N VAL A 106 -5.18 4.91 15.72
CA VAL A 106 -5.90 5.71 14.72
C VAL A 106 -5.69 7.20 14.99
N GLY A 107 -5.52 7.56 16.25
CA GLY A 107 -5.28 8.94 16.62
C GLY A 107 -3.99 9.46 16.03
N LEU A 108 -2.97 8.62 16.06
CA LEU A 108 -1.67 8.96 15.49
C LEU A 108 -1.77 9.05 13.97
N ALA A 109 -2.63 8.23 13.40
CA ALA A 109 -2.87 8.25 11.96
C ALA A 109 -3.51 9.57 11.56
N CYS A 110 -4.45 10.04 12.36
CA CYS A 110 -5.12 11.29 12.10
C CYS A 110 -4.12 12.44 12.13
N GLN A 111 -3.19 12.39 13.07
CA GLN A 111 -2.14 13.40 13.14
C GLN A 111 -1.26 13.40 11.89
N GLN A 112 -1.11 12.24 11.28
CA GLN A 112 -0.25 12.08 10.10
C GLN A 112 -1.06 11.95 8.82
N TYR A 113 -2.38 12.14 8.94
CA TYR A 113 -3.31 11.80 7.86
C TYR A 113 -3.00 12.51 6.54
N SER A 114 -2.61 13.77 6.62
CA SER A 114 -2.34 14.54 5.41
C SER A 114 -1.03 14.09 4.75
N LEU A 115 -0.11 13.57 5.55
CA LEU A 115 1.17 13.11 5.04
C LEU A 115 1.03 11.76 4.34
N VAL A 116 0.38 10.81 5.02
CA VAL A 116 0.28 9.45 4.51
C VAL A 116 -0.99 9.24 3.70
N PHE A 117 -1.67 10.33 3.34
CA PHE A 117 -2.90 10.20 2.56
C PHE A 117 -2.62 9.53 1.22
N ARG A 118 -3.29 8.40 0.99
CA ARG A 118 -3.07 7.61 -0.23
C ARG A 118 -4.41 7.16 -0.83
N LYS A 119 -4.93 6.04 -0.35
CA LYS A 119 -6.20 5.53 -0.83
C LYS A 119 -7.35 6.09 0.00
N PRO A 120 -8.14 7.01 -0.58
CA PRO A 120 -9.18 7.66 0.22
C PRO A 120 -10.27 6.69 0.67
N ARG A 121 -10.78 6.92 1.87
CA ARG A 121 -11.92 6.18 2.39
C ARG A 121 -13.01 7.18 2.75
N GLY A 122 -14.27 6.75 2.71
CA GLY A 122 -15.36 7.58 3.18
C GLY A 122 -15.67 8.76 2.28
N LEU A 123 -16.57 9.63 2.76
CA LEU A 123 -17.08 10.73 1.96
C LEU A 123 -16.76 12.08 2.62
N PHE A 124 -16.28 13.03 1.83
CA PHE A 124 -15.94 14.36 2.33
C PHE A 124 -16.99 15.37 1.90
N ILE A 125 -17.58 16.07 2.87
CA ILE A 125 -18.61 17.05 2.60
C ILE A 125 -18.24 18.36 3.27
N THR A 126 -18.13 19.42 2.47
CA THR A 126 -17.70 20.71 3.00
C THR A 126 -18.85 21.69 3.09
N ILE A 127 -18.62 22.74 3.87
CA ILE A 127 -19.58 23.83 4.00
C ILE A 127 -19.86 24.47 2.64
N HIS A 128 -18.88 24.41 1.74
CA HIS A 128 -19.03 25.00 0.41
C HIS A 128 -19.87 24.13 -0.51
N ASP A 129 -20.24 22.93 -0.05
CA ASP A 129 -21.17 22.07 -0.76
C ASP A 129 -22.60 22.32 -0.28
N ARG A 130 -22.76 23.36 0.53
CA ARG A 130 -24.07 23.75 1.05
C ARG A 130 -25.08 23.89 -0.08
N GLY A 131 -26.21 23.21 0.05
CA GLY A 131 -27.26 23.24 -0.95
C GLY A 131 -27.06 22.21 -2.04
N HIS A 132 -26.03 21.38 -1.89
CA HIS A 132 -25.71 20.34 -2.87
C HIS A 132 -25.28 19.03 -2.20
N ILE A 133 -25.54 18.89 -0.90
CA ILE A 133 -25.12 17.69 -0.17
C ILE A 133 -25.67 16.42 -0.82
N ALA A 134 -26.91 16.50 -1.30
CA ALA A 134 -27.57 15.37 -1.95
C ALA A 134 -26.74 14.86 -3.13
N SER A 135 -26.20 15.79 -3.91
CA SER A 135 -25.42 15.41 -5.10
C SER A 135 -24.10 14.75 -4.68
N VAL A 136 -23.57 15.16 -3.52
CA VAL A 136 -22.31 14.61 -3.04
C VAL A 136 -22.49 13.16 -2.58
N LEU A 137 -23.63 12.88 -1.95
CA LEU A 137 -23.97 11.53 -1.53
C LEU A 137 -24.03 10.56 -2.71
N ASN A 138 -24.38 11.08 -3.89
CA ASN A 138 -24.50 10.24 -5.07
C ASN A 138 -23.16 9.81 -5.65
N ALA A 139 -22.06 10.32 -5.10
CA ALA A 139 -20.73 9.89 -5.51
C ALA A 139 -20.36 8.61 -4.79
N TRP A 140 -21.08 8.29 -3.72
CA TRP A 140 -20.81 7.07 -2.98
C TRP A 140 -21.41 5.88 -3.75
N PRO A 141 -20.58 4.87 -4.11
CA PRO A 141 -21.02 3.75 -4.96
C PRO A 141 -21.91 2.71 -4.28
N GLU A 142 -22.39 2.98 -3.06
CA GLU A 142 -23.33 2.09 -2.39
C GLU A 142 -24.65 2.83 -2.16
N ASP A 143 -25.75 2.22 -2.58
CA ASP A 143 -27.07 2.86 -2.49
C ASP A 143 -27.79 2.50 -1.21
N VAL A 144 -27.41 1.39 -0.58
CA VAL A 144 -27.99 0.97 0.68
C VAL A 144 -27.03 1.27 1.83
N ILE A 145 -27.38 2.26 2.63
CA ILE A 145 -26.62 2.63 3.81
C ILE A 145 -27.53 2.54 5.03
N LYS A 146 -27.05 1.85 6.06
CA LYS A 146 -27.82 1.64 7.27
C LYS A 146 -27.11 2.22 8.49
N ALA A 147 -25.84 2.61 8.32
CA ALA A 147 -25.08 3.14 9.44
C ALA A 147 -24.06 4.18 8.95
N ILE A 148 -24.11 5.36 9.57
CA ILE A 148 -23.20 6.44 9.26
C ILE A 148 -22.52 6.90 10.53
N VAL A 149 -21.21 7.11 10.46
CA VAL A 149 -20.48 7.80 11.52
C VAL A 149 -19.96 9.10 10.92
N VAL A 150 -20.30 10.21 11.57
CA VAL A 150 -19.93 11.53 11.06
C VAL A 150 -19.17 12.32 12.14
N THR A 151 -18.18 13.07 11.70
CA THR A 151 -17.43 13.97 12.58
C THR A 151 -17.15 15.26 11.83
N ASP A 152 -16.86 16.34 12.56
CA ASP A 152 -16.37 17.58 11.96
C ASP A 152 -14.91 17.82 12.34
N GLY A 153 -14.35 16.91 13.13
CA GLY A 153 -12.94 16.90 13.44
C GLY A 153 -12.48 17.95 14.43
N GLU A 154 -13.41 18.54 15.18
CA GLU A 154 -13.05 19.63 16.10
C GLU A 154 -12.53 19.13 17.45
N ARG A 155 -12.89 17.91 17.83
CA ARG A 155 -12.44 17.34 19.11
C ARG A 155 -12.17 15.85 18.97
N ILE A 156 -11.13 15.51 18.21
CA ILE A 156 -10.64 14.13 18.21
C ILE A 156 -10.11 13.90 19.60
N LEU A 157 -10.57 12.82 20.24
CA LEU A 157 -10.30 12.58 21.65
C LEU A 157 -8.83 12.75 22.01
N GLY A 158 -8.53 13.74 22.85
CA GLY A 158 -7.18 13.94 23.37
C GLY A 158 -6.20 14.55 22.39
N LEU A 159 -6.69 14.97 21.22
CA LEU A 159 -5.84 15.54 20.18
C LEU A 159 -6.40 16.87 19.67
N GLY A 160 -7.65 17.16 20.01
CA GLY A 160 -8.25 18.43 19.68
C GLY A 160 -8.75 18.50 18.25
N ASP A 161 -8.59 19.68 17.65
CA ASP A 161 -9.09 19.98 16.30
C ASP A 161 -8.08 19.54 15.24
N LEU A 162 -8.37 18.45 14.55
CA LEU A 162 -7.50 17.95 13.47
C LEU A 162 -8.13 18.17 12.09
N GLY A 163 -9.29 18.83 12.07
CA GLY A 163 -9.95 19.15 10.82
C GLY A 163 -10.23 17.92 9.98
N CYS A 164 -10.02 18.05 8.67
CA CYS A 164 -10.33 17.00 7.73
C CYS A 164 -9.51 15.73 7.98
N ASN A 165 -8.39 15.88 8.67
CA ASN A 165 -7.54 14.74 9.02
C ASN A 165 -8.24 13.79 9.99
N GLY A 166 -9.36 14.23 10.57
CA GLY A 166 -10.09 13.40 11.51
C GLY A 166 -10.86 12.29 10.83
N MET A 167 -10.79 12.25 9.50
CA MET A 167 -11.52 11.24 8.73
C MET A 167 -11.10 9.83 9.11
N GLY A 168 -9.92 9.69 9.70
CA GLY A 168 -9.45 8.39 10.14
C GLY A 168 -10.33 7.80 11.22
N ILE A 169 -11.03 8.66 11.97
CA ILE A 169 -11.83 8.20 13.10
C ILE A 169 -13.09 7.43 12.65
N PRO A 170 -13.93 8.04 11.82
CA PRO A 170 -15.11 7.29 11.35
C PRO A 170 -14.72 5.99 10.68
N VAL A 171 -13.67 6.01 9.88
CA VAL A 171 -13.23 4.81 9.17
C VAL A 171 -12.86 3.71 10.15
N GLY A 172 -12.07 4.06 11.15
CA GLY A 172 -11.64 3.09 12.13
C GLY A 172 -12.83 2.59 12.92
N LYS A 173 -13.72 3.51 13.29
CA LYS A 173 -14.83 3.15 14.15
C LYS A 173 -15.76 2.17 13.44
N LEU A 174 -16.04 2.44 12.17
CA LEU A 174 -16.91 1.58 11.38
C LEU A 174 -16.28 0.22 11.16
N ALA A 175 -14.95 0.17 11.13
CA ALA A 175 -14.26 -1.11 11.00
C ALA A 175 -14.62 -1.99 12.19
N LEU A 176 -14.87 -1.36 13.34
CA LEU A 176 -15.26 -2.09 14.55
C LEU A 176 -16.77 -2.33 14.63
N TYR A 177 -17.56 -1.45 14.01
CA TYR A 177 -18.98 -1.73 13.81
C TYR A 177 -19.11 -3.11 13.18
N THR A 178 -18.33 -3.32 12.13
CA THR A 178 -18.36 -4.57 11.37
C THR A 178 -17.67 -5.71 12.13
N ALA A 179 -16.45 -5.45 12.59
CA ALA A 179 -15.62 -6.51 13.17
C ALA A 179 -16.17 -7.00 14.51
N CYS A 180 -16.72 -6.09 15.32
CA CYS A 180 -17.21 -6.44 16.65
C CYS A 180 -18.71 -6.70 16.66
N GLY A 181 -19.44 -6.10 15.70
CA GLY A 181 -20.89 -6.15 15.70
C GLY A 181 -21.54 -6.83 14.50
N GLY A 182 -20.77 -7.15 13.48
CA GLY A 182 -21.31 -7.84 12.33
C GLY A 182 -22.15 -6.97 11.41
N MET A 183 -21.99 -5.65 11.53
CA MET A 183 -22.60 -4.72 10.59
C MET A 183 -21.99 -4.92 9.20
N ASN A 184 -22.81 -4.84 8.15
CA ASN A 184 -22.31 -5.01 6.79
C ASN A 184 -21.57 -3.74 6.34
N PRO A 185 -20.24 -3.84 6.11
CA PRO A 185 -19.46 -2.63 5.80
C PRO A 185 -19.90 -1.87 4.54
N GLN A 186 -20.45 -2.55 3.55
CA GLN A 186 -20.98 -1.87 2.36
C GLN A 186 -22.17 -1.00 2.72
N GLU A 187 -22.82 -1.32 3.83
CA GLU A 187 -23.94 -0.55 4.32
C GLU A 187 -23.48 0.49 5.34
N CYS A 188 -22.16 0.66 5.44
CA CYS A 188 -21.57 1.64 6.36
C CYS A 188 -20.91 2.79 5.60
N LEU A 189 -21.04 4.00 6.14
CA LEU A 189 -20.59 5.19 5.45
C LEU A 189 -19.83 6.13 6.39
N PRO A 190 -18.50 6.19 6.25
CA PRO A 190 -17.75 7.18 7.02
C PRO A 190 -17.90 8.57 6.41
N VAL A 191 -18.12 9.60 7.22
CA VAL A 191 -18.29 10.96 6.72
C VAL A 191 -17.51 11.98 7.55
N ILE A 192 -16.85 12.91 6.86
CA ILE A 192 -16.23 14.06 7.49
C ILE A 192 -16.93 15.31 7.00
N LEU A 193 -17.25 16.21 7.93
CA LEU A 193 -17.82 17.50 7.59
C LEU A 193 -16.76 18.56 7.78
N ASP A 194 -16.18 19.03 6.67
CA ASP A 194 -15.12 20.03 6.74
C ASP A 194 -15.71 21.43 6.63
N VAL A 195 -15.72 22.14 7.75
CA VAL A 195 -16.14 23.53 7.79
C VAL A 195 -14.95 24.44 8.07
N GLY A 196 -13.74 23.89 7.96
CA GLY A 196 -12.52 24.60 8.29
C GLY A 196 -11.92 24.08 9.57
N THR A 197 -10.87 24.74 10.05
CA THR A 197 -10.21 24.32 11.29
C THR A 197 -9.49 25.47 11.99
N GLU A 198 -9.25 25.31 13.28
CA GLU A 198 -8.54 26.31 14.07
C GLU A 198 -7.14 25.81 14.44
N ASN A 199 -6.74 24.70 13.82
CA ASN A 199 -5.38 24.16 13.98
C ASN A 199 -4.41 24.94 13.10
N GLU A 200 -3.57 25.75 13.73
CA GLU A 200 -2.62 26.60 13.02
C GLU A 200 -1.58 25.78 12.26
N GLU A 201 -1.19 24.63 12.80
CA GLU A 201 -0.17 23.81 12.17
C GLU A 201 -0.67 23.28 10.82
N LEU A 202 -1.95 22.94 10.76
CA LEU A 202 -2.53 22.39 9.55
C LEU A 202 -2.81 23.51 8.55
N LEU A 203 -3.15 24.69 9.07
CA LEU A 203 -3.37 25.86 8.22
C LEU A 203 -2.06 26.29 7.54
N LYS A 204 -0.93 25.90 8.13
CA LYS A 204 0.38 26.24 7.60
C LYS A 204 0.99 25.09 6.79
N ASP A 205 0.52 23.87 7.03
CA ASP A 205 1.07 22.70 6.35
C ASP A 205 0.67 22.66 4.87
N PRO A 206 1.66 22.73 3.95
CA PRO A 206 1.30 22.70 2.53
C PRO A 206 0.66 21.37 2.09
N LEU A 207 0.81 20.34 2.92
CA LEU A 207 0.26 19.03 2.61
C LEU A 207 -1.13 18.80 3.20
N TYR A 208 -1.64 19.78 3.94
CA TYR A 208 -2.94 19.64 4.58
C TYR A 208 -4.02 19.37 3.52
N ILE A 209 -4.74 18.27 3.68
CA ILE A 209 -5.72 17.84 2.68
C ILE A 209 -7.09 18.52 2.82
N GLY A 210 -7.29 19.26 3.90
CA GLY A 210 -8.59 19.86 4.20
C GLY A 210 -8.70 21.31 3.78
N LEU A 211 -9.82 21.94 4.08
CA LEU A 211 -10.03 23.35 3.77
C LEU A 211 -9.08 24.22 4.57
N ARG A 212 -8.30 25.03 3.86
CA ARG A 212 -7.34 25.91 4.51
C ARG A 212 -8.05 27.19 4.94
N GLN A 213 -8.92 27.08 5.95
CA GLN A 213 -9.70 28.22 6.42
C GLN A 213 -10.16 27.98 7.85
N ARG A 214 -10.59 29.05 8.52
CA ARG A 214 -11.11 28.95 9.88
C ARG A 214 -12.47 28.24 9.87
N ARG A 215 -12.92 27.84 11.04
CA ARG A 215 -14.20 27.15 11.18
C ARG A 215 -15.38 28.11 11.04
N VAL A 216 -16.35 27.72 10.23
CA VAL A 216 -17.60 28.45 10.12
C VAL A 216 -18.44 28.13 11.35
N ARG A 217 -18.97 29.17 11.99
CA ARG A 217 -19.76 29.02 13.22
C ARG A 217 -21.19 29.48 12.99
N GLY A 218 -21.99 29.49 14.06
CA GLY A 218 -23.29 30.13 14.04
C GLY A 218 -24.33 29.43 13.17
N SER A 219 -25.26 30.23 12.66
CA SER A 219 -26.39 29.73 11.90
C SER A 219 -25.96 29.04 10.60
N GLU A 220 -24.90 29.54 9.97
CA GLU A 220 -24.42 28.97 8.72
C GLU A 220 -24.00 27.52 8.93
N TYR A 221 -23.39 27.26 10.09
CA TYR A 221 -23.00 25.91 10.47
C TYR A 221 -24.22 25.07 10.84
N ASP A 222 -25.15 25.67 11.57
CA ASP A 222 -26.36 24.97 12.01
C ASP A 222 -27.19 24.50 10.82
N ASP A 223 -27.36 25.38 9.83
CA ASP A 223 -28.17 25.05 8.67
C ASP A 223 -27.49 24.00 7.81
N PHE A 224 -26.16 24.04 7.78
CA PHE A 224 -25.37 23.05 7.05
C PHE A 224 -25.62 21.67 7.63
N LEU A 225 -25.64 21.57 8.95
CA LEU A 225 -25.90 20.31 9.62
C LEU A 225 -27.34 19.86 9.36
N ASP A 226 -28.28 20.79 9.35
CA ASP A 226 -29.67 20.45 9.10
C ASP A 226 -29.82 19.80 7.72
N GLU A 227 -29.15 20.38 6.72
CA GLU A 227 -29.23 19.87 5.36
C GLU A 227 -28.65 18.46 5.29
N PHE A 228 -27.60 18.24 6.07
CA PHE A 228 -26.93 16.94 6.08
C PHE A 228 -27.85 15.85 6.63
N MET A 229 -28.57 16.17 7.71
CA MET A 229 -29.53 15.25 8.31
C MET A 229 -30.67 14.94 7.33
N GLU A 230 -31.15 15.98 6.66
CA GLU A 230 -32.21 15.84 5.67
C GLU A 230 -31.73 15.01 4.48
N ALA A 231 -30.57 15.36 3.95
CA ALA A 231 -30.02 14.69 2.78
C ALA A 231 -29.83 13.20 3.05
N VAL A 232 -29.23 12.90 4.20
CA VAL A 232 -28.90 11.52 4.58
C VAL A 232 -30.15 10.66 4.77
N SER A 233 -31.14 11.19 5.47
CA SER A 233 -32.35 10.44 5.76
C SER A 233 -33.25 10.33 4.54
N SER A 234 -33.26 11.37 3.71
CA SER A 234 -34.06 11.38 2.49
C SER A 234 -33.58 10.29 1.53
N LYS A 235 -32.26 10.13 1.44
CA LYS A 235 -31.66 9.20 0.49
C LYS A 235 -31.60 7.78 1.02
N TYR A 236 -31.19 7.64 2.29
CA TYR A 236 -30.93 6.32 2.88
C TYR A 236 -32.09 5.82 3.74
N GLY A 237 -33.04 6.70 4.02
CA GLY A 237 -34.22 6.35 4.79
C GLY A 237 -34.09 6.74 6.25
N MET A 238 -35.24 7.03 6.88
CA MET A 238 -35.26 7.44 8.28
C MET A 238 -34.71 6.35 9.21
N ASN A 239 -34.64 5.12 8.71
CA ASN A 239 -34.11 4.00 9.48
C ASN A 239 -32.58 4.00 9.51
N CYS A 240 -31.95 4.86 8.72
CA CYS A 240 -30.50 4.89 8.65
C CYS A 240 -29.91 5.48 9.93
N LEU A 241 -29.06 4.70 10.58
CA LEU A 241 -28.42 5.12 11.82
C LEU A 241 -27.37 6.19 11.53
N ILE A 242 -27.31 7.22 12.39
CA ILE A 242 -26.39 8.33 12.20
C ILE A 242 -25.70 8.66 13.52
N GLN A 243 -24.43 8.26 13.63
CA GLN A 243 -23.69 8.44 14.88
C GLN A 243 -22.71 9.60 14.80
N PHE A 244 -22.86 10.57 15.70
CA PHE A 244 -21.92 11.69 15.77
C PHE A 244 -20.69 11.28 16.57
N GLU A 245 -19.53 11.75 16.14
CA GLU A 245 -18.28 11.42 16.80
C GLU A 245 -17.34 12.63 16.83
N ASP A 246 -16.75 12.86 18.00
CA ASP A 246 -15.67 13.85 18.15
C ASP A 246 -16.03 15.25 17.66
N PHE A 247 -17.25 15.69 17.97
CA PHE A 247 -17.60 17.11 17.89
C PHE A 247 -17.19 17.79 19.19
N ALA A 248 -17.10 19.11 19.17
CA ALA A 248 -16.77 19.87 20.38
C ALA A 248 -17.92 19.78 21.39
N ASN A 249 -17.61 20.02 22.66
CA ASN A 249 -18.57 19.89 23.76
C ASN A 249 -19.93 20.53 23.47
N VAL A 250 -19.92 21.81 23.14
CA VAL A 250 -21.15 22.57 22.95
C VAL A 250 -22.00 22.04 21.80
N ASN A 251 -21.41 21.86 20.62
CA ASN A 251 -22.15 21.39 19.45
C ASN A 251 -22.60 19.95 19.62
N ALA A 252 -21.86 19.18 20.41
CA ALA A 252 -22.19 17.78 20.60
C ALA A 252 -23.54 17.63 21.27
N PHE A 253 -23.70 18.29 22.42
CA PHE A 253 -24.97 18.24 23.16
C PHE A 253 -26.09 18.92 22.40
N ARG A 254 -25.79 20.05 21.78
CA ARG A 254 -26.82 20.81 21.07
C ARG A 254 -27.40 20.00 19.92
N LEU A 255 -26.52 19.39 19.12
CA LEU A 255 -26.96 18.61 17.96
C LEU A 255 -27.76 17.40 18.41
N LEU A 256 -27.29 16.72 19.44
CA LEU A 256 -27.93 15.51 19.93
C LEU A 256 -29.37 15.75 20.37
N ASN A 257 -29.58 16.77 21.20
CA ASN A 257 -30.92 17.09 21.67
C ASN A 257 -31.85 17.53 20.54
N LYS A 258 -31.27 18.18 19.54
CA LYS A 258 -32.05 18.69 18.41
C LYS A 258 -32.55 17.57 17.50
N TYR A 259 -31.73 16.54 17.30
CA TYR A 259 -32.00 15.49 16.32
C TYR A 259 -32.49 14.15 16.90
N ARG A 260 -32.31 13.92 18.20
CA ARG A 260 -32.54 12.58 18.76
C ARG A 260 -34.01 12.13 18.74
N ASN A 261 -34.94 13.08 18.67
CA ASN A 261 -36.36 12.77 18.67
C ASN A 261 -37.00 12.85 17.29
N GLN A 262 -36.18 13.02 16.25
CA GLN A 262 -36.68 12.99 14.86
C GLN A 262 -35.85 12.09 13.96
N TYR A 263 -34.59 11.84 14.35
CA TYR A 263 -33.70 10.99 13.57
C TYR A 263 -33.18 9.82 14.38
N CYS A 264 -32.80 8.76 13.68
CA CYS A 264 -32.21 7.59 14.35
C CYS A 264 -30.72 7.88 14.59
N THR A 265 -30.44 8.62 15.66
CA THR A 265 -29.12 9.18 15.86
C THR A 265 -28.67 9.08 17.32
N PHE A 266 -27.36 9.08 17.54
CA PHE A 266 -26.80 9.19 18.87
C PHE A 266 -25.35 9.63 18.80
N ASN A 267 -24.81 10.00 19.95
CA ASN A 267 -23.42 10.45 20.05
C ASN A 267 -22.67 9.48 20.96
N ASP A 268 -21.65 8.81 20.41
CA ASP A 268 -20.96 7.77 21.15
C ASP A 268 -20.10 8.31 22.29
N ASP A 269 -19.52 9.49 22.09
CA ASP A 269 -18.67 10.09 23.12
C ASP A 269 -19.45 10.31 24.41
N ILE A 270 -20.71 10.72 24.25
CA ILE A 270 -21.56 11.05 25.37
C ILE A 270 -22.32 9.83 25.88
N GLN A 271 -23.04 9.20 24.97
CA GLN A 271 -23.97 8.11 25.32
C GLN A 271 -23.27 6.76 25.33
N GLY A 272 -22.34 6.57 24.41
CA GLY A 272 -21.60 5.32 24.35
C GLY A 272 -20.71 5.15 25.55
N THR A 273 -19.92 6.19 25.85
CA THR A 273 -19.05 6.17 27.03
C THR A 273 -19.88 5.97 28.31
N ALA A 274 -21.07 6.57 28.33
CA ALA A 274 -21.93 6.50 29.50
C ALA A 274 -22.31 5.05 29.79
N SER A 275 -22.64 4.32 28.72
CA SER A 275 -23.10 2.94 28.86
C SER A 275 -22.00 2.04 29.40
N VAL A 276 -20.79 2.18 28.87
CA VAL A 276 -19.68 1.32 29.29
C VAL A 276 -19.24 1.66 30.73
N ALA A 277 -19.31 2.94 31.09
CA ALA A 277 -18.94 3.38 32.42
C ALA A 277 -19.90 2.85 33.48
N VAL A 278 -21.19 2.86 33.15
CA VAL A 278 -22.23 2.38 34.06
C VAL A 278 -22.11 0.86 34.20
N ALA A 279 -21.83 0.19 33.09
CA ALA A 279 -21.66 -1.25 33.10
C ALA A 279 -20.57 -1.64 34.10
N GLY A 280 -19.53 -0.82 34.16
CA GLY A 280 -18.43 -1.08 35.07
C GLY A 280 -18.83 -0.92 36.52
N LEU A 281 -19.80 -0.03 36.78
CA LEU A 281 -20.31 0.20 38.12
C LEU A 281 -21.18 -0.93 38.62
N LEU A 282 -22.14 -1.34 37.80
CA LEU A 282 -23.06 -2.41 38.18
C LEU A 282 -22.25 -3.64 38.54
N ALA A 283 -21.26 -3.94 37.69
CA ALA A 283 -20.36 -5.05 37.92
C ALA A 283 -19.62 -4.86 39.24
N ALA A 284 -19.28 -3.60 39.55
CA ALA A 284 -18.55 -3.28 40.77
C ALA A 284 -19.43 -3.44 42.01
N LEU A 285 -20.71 -3.13 41.87
CA LEU A 285 -21.65 -3.26 42.99
C LEU A 285 -21.75 -4.70 43.46
N ARG A 286 -21.50 -5.64 42.54
CA ARG A 286 -21.53 -7.05 42.88
C ARG A 286 -20.35 -7.46 43.75
N ILE A 287 -19.39 -6.54 43.92
CA ILE A 287 -18.24 -6.76 44.79
C ILE A 287 -18.46 -6.02 46.11
N THR A 288 -18.82 -4.74 46.01
CA THR A 288 -19.13 -3.95 47.19
C THR A 288 -20.39 -4.50 47.85
N LYS A 289 -21.21 -5.18 47.06
CA LYS A 289 -22.44 -5.84 47.54
C LYS A 289 -23.43 -4.84 48.17
N ASN A 290 -23.23 -3.57 47.86
CA ASN A 290 -24.18 -2.53 48.24
C ASN A 290 -24.99 -2.15 46.99
N LYS A 291 -25.77 -1.09 47.07
CA LYS A 291 -26.57 -0.65 45.93
C LYS A 291 -26.06 0.68 45.37
N LEU A 292 -26.56 1.04 44.19
CA LEU A 292 -26.12 2.25 43.50
C LEU A 292 -26.46 3.50 44.30
N SER A 293 -27.55 3.43 45.07
CA SER A 293 -28.01 4.55 45.89
C SER A 293 -27.05 4.82 47.05
N ASP A 294 -26.25 3.83 47.42
CA ASP A 294 -25.30 3.98 48.51
C ASP A 294 -24.00 4.62 48.05
N GLN A 295 -23.95 5.02 46.78
CA GLN A 295 -22.71 5.52 46.19
C GLN A 295 -22.63 7.04 46.18
N THR A 296 -21.40 7.55 46.19
CA THR A 296 -21.12 8.97 46.05
C THR A 296 -20.05 9.13 44.97
N ILE A 297 -20.44 9.68 43.82
CA ILE A 297 -19.60 9.65 42.62
C ILE A 297 -18.89 10.96 42.35
N LEU A 298 -17.56 10.93 42.29
CA LEU A 298 -16.78 12.12 41.98
C LEU A 298 -16.12 11.99 40.59
N PHE A 299 -16.43 12.94 39.72
CA PHE A 299 -15.87 12.98 38.38
C PHE A 299 -14.75 14.00 38.27
N GLN A 300 -13.58 13.58 37.82
CA GLN A 300 -12.58 14.52 37.35
C GLN A 300 -12.78 14.69 35.86
N GLY A 301 -13.32 15.86 35.48
CA GLY A 301 -13.71 16.12 34.11
C GLY A 301 -15.20 16.39 34.09
N ALA A 302 -15.63 17.37 33.30
CA ALA A 302 -17.03 17.70 33.15
C ALA A 302 -17.34 17.95 31.67
N GLY A 303 -16.65 17.20 30.80
CA GLY A 303 -16.86 17.30 29.37
C GLY A 303 -17.98 16.40 28.90
N GLU A 304 -17.92 15.99 27.63
CA GLU A 304 -18.97 15.18 27.02
C GLU A 304 -19.17 13.85 27.75
N ALA A 305 -18.07 13.12 27.95
CA ALA A 305 -18.13 11.82 28.60
C ALA A 305 -18.69 11.94 30.01
N ALA A 306 -18.06 12.80 30.81
CA ALA A 306 -18.44 12.97 32.22
C ALA A 306 -19.94 13.23 32.37
N LEU A 307 -20.46 14.17 31.60
CA LEU A 307 -21.87 14.55 31.69
C LEU A 307 -22.78 13.44 31.17
N GLY A 308 -22.31 12.69 30.18
CA GLY A 308 -23.07 11.58 29.65
C GLY A 308 -23.20 10.49 30.69
N ILE A 309 -22.07 10.12 31.28
CA ILE A 309 -22.03 9.10 32.33
C ILE A 309 -22.93 9.50 33.48
N ALA A 310 -22.75 10.73 33.97
CA ALA A 310 -23.47 11.20 35.13
C ALA A 310 -24.97 11.13 34.86
N HIS A 311 -25.36 11.47 33.63
CA HIS A 311 -26.76 11.45 33.26
C HIS A 311 -27.32 10.03 33.28
N LEU A 312 -26.54 9.08 32.79
CA LEU A 312 -26.99 7.70 32.74
C LEU A 312 -26.94 7.06 34.14
N ILE A 313 -26.07 7.58 34.99
CA ILE A 313 -26.06 7.16 36.40
C ILE A 313 -27.35 7.60 37.07
N VAL A 314 -27.81 8.81 36.76
CA VAL A 314 -29.04 9.33 37.33
C VAL A 314 -30.21 8.44 36.93
N MET A 315 -30.26 8.07 35.65
CA MET A 315 -31.37 7.27 35.14
C MET A 315 -31.34 5.86 35.73
N ALA A 316 -30.14 5.36 36.01
CA ALA A 316 -30.00 4.07 36.66
C ALA A 316 -30.54 4.14 38.08
N LEU A 317 -30.39 5.30 38.72
CA LEU A 317 -30.91 5.51 40.07
C LEU A 317 -32.43 5.62 40.07
N GLU A 318 -32.98 6.29 39.05
CA GLU A 318 -34.43 6.38 38.88
C GLU A 318 -35.01 4.99 38.69
N LYS A 319 -34.26 4.11 38.02
CA LYS A 319 -34.70 2.75 37.79
C LYS A 319 -34.77 1.99 39.12
N GLU A 320 -33.89 2.38 40.05
CA GLU A 320 -33.96 1.86 41.41
C GLU A 320 -35.08 2.54 42.22
N GLY A 321 -35.83 3.44 41.57
CA GLY A 321 -36.97 4.09 42.17
C GLY A 321 -36.66 5.47 42.71
N LEU A 322 -35.36 5.77 42.87
CA LEU A 322 -34.93 7.03 43.48
C LEU A 322 -35.18 8.23 42.54
N PRO A 323 -35.97 9.22 42.99
CA PRO A 323 -36.31 10.33 42.09
C PRO A 323 -35.13 11.22 41.69
N LYS A 324 -35.28 11.92 40.57
CA LYS A 324 -34.22 12.70 39.94
C LYS A 324 -33.51 13.67 40.88
N GLU A 325 -34.28 14.52 41.54
CA GLU A 325 -33.74 15.59 42.39
C GLU A 325 -32.84 15.06 43.51
N LYS A 326 -33.06 13.81 43.90
CA LYS A 326 -32.26 13.20 44.96
C LYS A 326 -31.07 12.44 44.37
N ALA A 327 -31.27 11.85 43.20
CA ALA A 327 -30.21 11.10 42.52
C ALA A 327 -29.07 12.03 42.12
N ILE A 328 -29.42 13.25 41.70
CA ILE A 328 -28.45 14.24 41.28
C ILE A 328 -27.47 14.61 42.40
N LYS A 329 -27.95 14.66 43.63
CA LYS A 329 -27.16 15.16 44.76
C LYS A 329 -25.99 14.23 45.13
N LYS A 330 -25.97 13.04 44.55
CA LYS A 330 -24.95 12.05 44.87
C LYS A 330 -23.77 12.12 43.90
N ILE A 331 -23.84 13.08 42.98
CA ILE A 331 -22.88 13.17 41.88
C ILE A 331 -22.21 14.53 41.85
N TRP A 332 -20.88 14.52 41.94
CA TRP A 332 -20.08 15.74 41.92
C TRP A 332 -19.15 15.73 40.72
N LEU A 333 -19.02 16.89 40.07
CA LEU A 333 -18.13 17.05 38.92
C LEU A 333 -17.12 18.14 39.21
N VAL A 334 -15.94 17.99 38.62
CA VAL A 334 -14.86 18.97 38.70
C VAL A 334 -14.36 19.24 37.28
N ASP A 335 -14.00 20.50 37.01
CA ASP A 335 -13.32 20.85 35.77
C ASP A 335 -12.06 21.66 36.07
N SER A 336 -11.49 22.27 35.05
CA SER A 336 -10.22 22.99 35.18
C SER A 336 -10.31 24.21 36.09
N LYS A 337 -11.52 24.73 36.26
CA LYS A 337 -11.74 25.92 37.08
C LYS A 337 -12.03 25.53 38.53
N GLY A 338 -12.40 24.27 38.74
CA GLY A 338 -12.62 23.74 40.07
C GLY A 338 -13.85 22.86 40.16
N LEU A 339 -14.31 22.65 41.39
CA LEU A 339 -15.50 21.86 41.64
C LEU A 339 -16.72 22.60 41.12
N ILE A 340 -17.69 21.87 40.59
CA ILE A 340 -18.95 22.46 40.16
C ILE A 340 -19.84 22.65 41.38
N VAL A 341 -20.13 23.91 41.70
CA VAL A 341 -20.95 24.24 42.85
C VAL A 341 -21.94 25.33 42.45
N LYS A 342 -23.00 25.48 43.23
CA LYS A 342 -24.03 26.46 42.95
C LYS A 342 -23.46 27.89 42.99
N GLY A 343 -23.74 28.66 41.95
CA GLY A 343 -23.39 30.07 41.93
C GLY A 343 -22.00 30.37 41.41
N ARG A 344 -21.33 29.36 40.86
CA ARG A 344 -19.97 29.54 40.37
C ARG A 344 -19.96 30.11 38.95
N ALA A 345 -18.95 30.90 38.63
CA ALA A 345 -18.86 31.50 37.31
C ALA A 345 -18.46 30.44 36.28
N SER A 346 -18.65 30.75 35.01
CA SER A 346 -18.23 29.86 33.91
C SER A 346 -18.89 28.49 33.99
N LEU A 347 -20.21 28.47 33.92
CA LEU A 347 -20.97 27.22 33.93
C LEU A 347 -21.94 27.14 32.77
N THR A 348 -22.16 25.93 32.28
CA THR A 348 -23.09 25.68 31.19
C THR A 348 -24.37 25.10 31.75
N GLN A 349 -25.40 25.06 30.91
CA GLN A 349 -26.70 24.49 31.26
C GLN A 349 -26.55 23.09 31.84
N GLU A 350 -25.77 22.25 31.15
CA GLU A 350 -25.63 20.85 31.53
C GLU A 350 -24.83 20.67 32.82
N LYS A 351 -24.01 21.65 33.17
CA LYS A 351 -23.23 21.59 34.40
C LYS A 351 -24.05 22.05 35.59
N GLU A 352 -24.89 23.05 35.37
CA GLU A 352 -25.68 23.68 36.44
C GLU A 352 -26.55 22.66 37.16
N LYS A 353 -26.98 21.63 36.44
CA LYS A 353 -27.86 20.61 37.01
C LYS A 353 -27.13 19.65 37.95
N PHE A 354 -25.83 19.87 38.13
CA PHE A 354 -25.07 19.16 39.15
C PHE A 354 -24.37 20.14 40.09
N ALA A 355 -24.74 21.42 39.98
CA ALA A 355 -24.12 22.48 40.78
C ALA A 355 -24.78 22.55 42.15
N HIS A 356 -24.28 21.75 43.09
CA HIS A 356 -24.82 21.71 44.44
C HIS A 356 -24.27 22.89 45.25
N GLU A 357 -25.01 23.32 46.25
CA GLU A 357 -24.54 24.37 47.14
C GLU A 357 -23.35 23.83 47.92
N HIS A 358 -22.19 24.45 47.75
CA HIS A 358 -20.98 23.99 48.42
C HIS A 358 -19.87 25.02 48.22
N GLU A 359 -18.97 25.12 49.20
CA GLU A 359 -17.81 25.99 49.12
C GLU A 359 -17.01 25.70 47.85
N GLU A 360 -16.52 26.76 47.19
CA GLU A 360 -15.72 26.58 45.99
C GLU A 360 -14.40 25.88 46.33
N MET A 361 -14.01 24.95 45.47
CA MET A 361 -12.77 24.20 45.65
C MET A 361 -12.06 24.05 44.30
N LYS A 362 -10.75 23.94 44.35
CA LYS A 362 -9.92 23.96 43.15
C LYS A 362 -8.99 22.75 43.12
N ASN A 363 -8.45 22.38 44.26
CA ASN A 363 -7.46 21.31 44.35
C ASN A 363 -8.14 19.96 44.56
N LEU A 364 -7.85 19.01 43.68
CA LEU A 364 -8.56 17.73 43.66
C LEU A 364 -8.30 16.88 44.91
N GLU A 365 -7.09 16.96 45.43
CA GLU A 365 -6.70 16.27 46.65
C GLU A 365 -7.64 16.67 47.78
N ALA A 366 -7.91 17.97 47.87
CA ALA A 366 -8.77 18.53 48.90
C ALA A 366 -10.22 18.11 48.65
N ILE A 367 -10.60 18.05 47.39
CA ILE A 367 -11.98 17.74 47.03
C ILE A 367 -12.33 16.30 47.42
N VAL A 368 -11.41 15.37 47.17
CA VAL A 368 -11.63 13.98 47.56
C VAL A 368 -11.82 13.89 49.07
N GLN A 369 -11.03 14.65 49.82
CA GLN A 369 -11.06 14.60 51.28
C GLN A 369 -12.33 15.24 51.85
N GLU A 370 -12.93 16.15 51.08
CA GLU A 370 -14.17 16.80 51.51
C GLU A 370 -15.37 15.97 51.12
N ILE A 371 -15.45 15.62 49.84
CA ILE A 371 -16.59 14.87 49.32
C ILE A 371 -16.61 13.45 49.85
N LYS A 372 -15.42 12.88 50.05
CA LYS A 372 -15.26 11.50 50.52
C LYS A 372 -16.12 10.54 49.70
N PRO A 373 -15.94 10.55 48.37
CA PRO A 373 -16.77 9.74 47.47
C PRO A 373 -16.48 8.24 47.59
N THR A 374 -17.35 7.42 47.01
CA THR A 374 -17.15 5.97 46.97
C THR A 374 -16.58 5.58 45.62
N ALA A 375 -16.90 6.36 44.59
CA ALA A 375 -16.42 6.10 43.24
C ALA A 375 -15.80 7.37 42.66
N LEU A 376 -14.57 7.23 42.18
CA LEU A 376 -13.82 8.34 41.60
C LEU A 376 -13.56 8.04 40.12
N ILE A 377 -14.17 8.81 39.23
CA ILE A 377 -14.11 8.54 37.80
C ILE A 377 -13.38 9.64 37.03
N GLY A 378 -12.25 9.28 36.41
CA GLY A 378 -11.42 10.22 35.69
C GLY A 378 -11.61 10.12 34.19
N VAL A 379 -11.86 11.28 33.55
CA VAL A 379 -12.04 11.35 32.10
C VAL A 379 -11.47 12.65 31.54
N ALA A 380 -10.72 13.38 32.37
CA ALA A 380 -10.21 14.69 31.99
C ALA A 380 -8.83 14.64 31.36
N ALA A 381 -8.26 13.43 31.27
CA ALA A 381 -6.96 13.22 30.64
C ALA A 381 -5.83 13.98 31.34
N ILE A 382 -5.88 14.01 32.67
CA ILE A 382 -4.81 14.59 33.47
C ILE A 382 -3.93 13.46 34.02
N GLY A 383 -2.81 13.21 33.35
CA GLY A 383 -1.92 12.12 33.70
C GLY A 383 -1.39 12.22 35.11
N GLY A 384 -1.76 11.26 35.95
CA GLY A 384 -1.26 11.19 37.32
C GLY A 384 -2.11 11.98 38.31
N ALA A 385 -3.33 12.30 37.93
CA ALA A 385 -4.22 13.09 38.76
C ALA A 385 -4.56 12.37 40.08
N PHE A 386 -4.68 11.05 40.00
CA PHE A 386 -4.92 10.24 41.19
C PHE A 386 -3.59 9.97 41.88
N SER A 387 -3.06 10.98 42.56
CA SER A 387 -1.75 10.90 43.18
C SER A 387 -1.77 9.92 44.36
N GLU A 388 -0.60 9.74 44.96
CA GLU A 388 -0.44 8.81 46.07
C GLU A 388 -1.41 9.12 47.19
N GLN A 389 -1.61 10.42 47.44
CA GLN A 389 -2.46 10.86 48.54
C GLN A 389 -3.94 10.61 48.21
N ILE A 390 -4.30 10.79 46.94
CA ILE A 390 -5.68 10.53 46.49
C ILE A 390 -6.06 9.10 46.79
N LEU A 391 -5.17 8.18 46.44
CA LEU A 391 -5.44 6.75 46.57
C LEU A 391 -5.45 6.30 48.03
N LYS A 392 -4.54 6.85 48.84
CA LYS A 392 -4.55 6.57 50.27
C LYS A 392 -5.87 7.01 50.89
N ASP A 393 -6.24 8.26 50.62
CA ASP A 393 -7.46 8.83 51.14
C ASP A 393 -8.68 7.99 50.73
N MET A 394 -8.75 7.61 49.45
CA MET A 394 -9.86 6.81 48.95
C MET A 394 -9.93 5.46 49.67
N ALA A 395 -8.77 4.88 49.98
CA ALA A 395 -8.69 3.56 50.60
C ALA A 395 -9.07 3.62 52.08
N ALA A 396 -9.02 4.83 52.64
CA ALA A 396 -9.36 5.06 54.04
C ALA A 396 -10.86 5.32 54.18
N PHE A 397 -11.42 6.04 53.20
CA PHE A 397 -12.82 6.46 53.25
C PHE A 397 -13.76 5.32 52.92
N ASN A 398 -13.26 4.35 52.16
CA ASN A 398 -14.08 3.23 51.70
C ASN A 398 -13.32 1.92 51.85
N GLU A 399 -14.05 0.84 52.11
CA GLU A 399 -13.45 -0.48 52.17
C GLU A 399 -12.91 -0.86 50.79
N ARG A 400 -13.77 -0.81 49.78
CA ARG A 400 -13.38 -1.09 48.40
C ARG A 400 -13.67 0.14 47.54
N PRO A 401 -12.71 1.07 47.44
CA PRO A 401 -12.97 2.28 46.66
C PRO A 401 -13.01 1.97 45.17
N ILE A 402 -13.98 2.54 44.47
CA ILE A 402 -14.12 2.36 43.03
C ILE A 402 -13.34 3.47 42.34
N ILE A 403 -12.35 3.06 41.55
CA ILE A 403 -11.44 3.99 40.89
C ILE A 403 -11.43 3.68 39.40
N PHE A 404 -12.01 4.59 38.62
CA PHE A 404 -12.01 4.48 37.17
C PHE A 404 -11.11 5.55 36.59
N ALA A 405 -9.98 5.12 36.02
CA ALA A 405 -9.04 6.01 35.35
C ALA A 405 -9.17 5.80 33.86
N LEU A 406 -10.19 6.41 33.26
CA LEU A 406 -10.59 6.09 31.89
C LEU A 406 -9.88 6.88 30.80
N SER A 407 -8.97 7.77 31.19
CA SER A 407 -8.32 8.66 30.23
C SER A 407 -7.26 7.97 29.38
N ASN A 408 -7.18 8.36 28.10
CA ASN A 408 -6.29 7.72 27.13
C ASN A 408 -5.33 8.72 26.49
N PRO A 409 -4.16 8.22 26.03
CA PRO A 409 -3.64 6.86 26.22
C PRO A 409 -3.04 6.70 27.60
N THR A 410 -2.14 5.74 27.79
CA THR A 410 -1.53 5.47 29.10
C THR A 410 -0.86 6.71 29.70
N SER A 411 -0.20 7.50 28.86
CA SER A 411 0.51 8.69 29.32
C SER A 411 -0.43 9.70 29.96
N LYS A 412 -1.72 9.59 29.65
CA LYS A 412 -2.74 10.52 30.12
C LYS A 412 -3.63 9.86 31.17
N ALA A 413 -3.28 8.63 31.57
CA ALA A 413 -4.05 7.88 32.56
C ALA A 413 -3.92 8.54 33.94
N GLU A 414 -5.02 8.58 34.68
CA GLU A 414 -5.04 9.19 36.00
C GLU A 414 -4.13 8.44 36.98
N CYS A 415 -4.05 7.13 36.82
CA CYS A 415 -3.11 6.31 37.57
C CYS A 415 -2.96 4.96 36.88
N SER A 416 -1.87 4.27 37.17
CA SER A 416 -1.64 2.93 36.63
C SER A 416 -2.33 1.92 37.55
N ALA A 417 -2.42 0.68 37.08
CA ALA A 417 -3.03 -0.39 37.86
C ALA A 417 -2.14 -0.73 39.06
N GLU A 418 -0.84 -0.83 38.80
CA GLU A 418 0.14 -1.14 39.85
C GLU A 418 0.06 -0.08 40.94
N GLN A 419 0.10 1.17 40.50
CA GLN A 419 0.08 2.33 41.39
C GLN A 419 -1.16 2.33 42.30
N CYS A 420 -2.29 1.86 41.75
CA CYS A 420 -3.57 1.91 42.46
C CYS A 420 -3.68 0.77 43.48
N TYR A 421 -3.42 -0.45 43.03
CA TYR A 421 -3.48 -1.63 43.89
C TYR A 421 -2.41 -1.55 44.98
N LYS A 422 -1.23 -1.08 44.60
CA LYS A 422 -0.10 -0.97 45.52
C LYS A 422 -0.49 -0.13 46.73
N ILE A 423 -0.94 1.09 46.46
CA ILE A 423 -1.20 2.06 47.53
C ILE A 423 -2.44 1.71 48.32
N THR A 424 -3.49 1.27 47.62
CA THR A 424 -4.71 0.85 48.30
C THR A 424 -4.51 -0.54 48.93
N LYS A 425 -3.35 -1.14 48.68
CA LYS A 425 -3.00 -2.43 49.27
C LYS A 425 -3.98 -3.52 48.85
N GLY A 426 -4.52 -3.39 47.65
CA GLY A 426 -5.29 -4.45 47.02
C GLY A 426 -6.80 -4.34 47.13
N ARG A 427 -7.30 -3.32 47.83
CA ARG A 427 -8.74 -3.23 48.08
C ARG A 427 -9.47 -2.40 47.02
N ALA A 428 -8.71 -1.70 46.18
CA ALA A 428 -9.31 -0.87 45.13
C ALA A 428 -10.04 -1.72 44.09
N ILE A 429 -11.17 -1.21 43.61
CA ILE A 429 -11.88 -1.80 42.47
C ILE A 429 -11.57 -0.94 41.25
N PHE A 430 -10.79 -1.49 40.31
CA PHE A 430 -10.16 -0.67 39.29
C PHE A 430 -10.54 -1.01 37.84
N ALA A 431 -10.70 0.04 37.04
CA ALA A 431 -10.82 -0.10 35.59
C ALA A 431 -10.21 1.13 34.95
N SER A 432 -9.79 0.99 33.70
CA SER A 432 -9.14 2.09 32.98
C SER A 432 -9.60 2.11 31.53
N GLY A 433 -9.09 3.08 30.77
CA GLY A 433 -9.37 3.17 29.35
C GLY A 433 -8.22 2.60 28.55
N SER A 434 -7.02 2.77 29.10
CA SER A 434 -5.82 2.20 28.51
C SER A 434 -5.54 0.85 29.17
N PRO A 435 -4.82 -0.04 28.46
CA PRO A 435 -4.61 -1.39 28.99
C PRO A 435 -3.43 -1.45 29.95
N PHE A 436 -3.58 -2.18 31.06
CA PHE A 436 -2.50 -2.40 32.01
C PHE A 436 -2.26 -3.89 32.20
N ASP A 437 -1.01 -4.27 32.43
CA ASP A 437 -0.69 -5.65 32.72
C ASP A 437 -1.23 -6.03 34.10
N PRO A 438 -1.61 -7.30 34.30
CA PRO A 438 -2.07 -7.77 35.60
C PRO A 438 -1.06 -7.48 36.71
N VAL A 439 -1.53 -7.47 37.96
CA VAL A 439 -0.68 -7.14 39.10
C VAL A 439 -0.79 -8.20 40.18
N THR A 440 0.35 -8.73 40.60
CA THR A 440 0.42 -9.71 41.66
C THR A 440 0.74 -9.00 42.98
N LEU A 441 0.02 -9.36 44.04
CA LEU A 441 0.17 -8.74 45.34
C LEU A 441 1.03 -9.62 46.25
N PRO A 442 1.53 -9.06 47.37
CA PRO A 442 2.32 -9.83 48.33
C PRO A 442 1.60 -11.08 48.86
N ASN A 443 0.27 -11.07 48.83
CA ASN A 443 -0.51 -12.21 49.28
C ASN A 443 -0.51 -13.33 48.23
N GLY A 444 0.07 -13.05 47.06
CA GLY A 444 0.15 -14.02 45.99
C GLY A 444 -1.07 -13.97 45.09
N GLN A 445 -2.01 -13.09 45.41
CA GLN A 445 -3.21 -12.93 44.60
C GLN A 445 -2.88 -12.07 43.37
N THR A 446 -3.51 -12.38 42.25
CA THR A 446 -3.29 -11.64 41.01
C THR A 446 -4.59 -10.95 40.56
N LEU A 447 -4.48 -9.66 40.24
CA LEU A 447 -5.62 -8.90 39.75
C LEU A 447 -5.46 -8.57 38.27
N TYR A 448 -6.59 -8.56 37.56
CA TYR A 448 -6.59 -8.35 36.11
C TYR A 448 -7.56 -7.21 35.75
N PRO A 449 -7.12 -5.95 35.90
CA PRO A 449 -8.02 -4.81 35.63
C PRO A 449 -8.43 -4.73 34.15
N GLY A 450 -9.69 -4.43 33.89
CA GLY A 450 -10.21 -4.41 32.53
C GLY A 450 -10.21 -3.02 31.92
N GLN A 451 -10.59 -2.94 30.65
CA GLN A 451 -10.63 -1.68 29.92
C GLN A 451 -12.07 -1.25 29.66
N GLY A 452 -12.45 -0.06 30.10
CA GLY A 452 -13.75 0.50 29.80
C GLY A 452 -13.81 0.97 28.36
N ASN A 453 -13.62 0.03 27.44
CA ASN A 453 -13.59 0.32 26.01
C ASN A 453 -14.99 0.59 25.48
N ASN A 454 -15.15 1.67 24.72
CA ASN A 454 -16.43 2.02 24.10
C ASN A 454 -16.91 0.96 23.09
N SER A 455 -15.99 0.12 22.63
CA SER A 455 -16.30 -0.93 21.68
C SER A 455 -17.29 -1.95 22.25
N TYR A 456 -17.40 -2.02 23.58
CA TYR A 456 -18.38 -2.88 24.21
C TYR A 456 -19.79 -2.46 23.84
N VAL A 457 -19.98 -1.18 23.53
CA VAL A 457 -21.32 -0.62 23.39
C VAL A 457 -21.76 -0.44 21.94
N PHE A 458 -21.13 0.46 21.20
CA PHE A 458 -21.70 0.91 19.93
C PHE A 458 -21.93 -0.16 18.85
N PRO A 459 -21.08 -1.20 18.79
CA PRO A 459 -21.37 -2.21 17.76
C PRO A 459 -22.69 -2.93 17.99
N GLY A 460 -22.94 -3.38 19.22
CA GLY A 460 -24.16 -4.12 19.54
C GLY A 460 -25.40 -3.26 19.44
N VAL A 461 -25.29 -2.01 19.89
CA VAL A 461 -26.40 -1.06 19.81
C VAL A 461 -26.77 -0.83 18.35
N ALA A 462 -25.78 -0.53 17.52
CA ALA A 462 -26.03 -0.23 16.12
C ALA A 462 -26.64 -1.43 15.40
N LEU A 463 -26.17 -2.63 15.74
CA LEU A 463 -26.72 -3.85 15.14
C LEU A 463 -28.17 -4.03 15.55
N GLY A 464 -28.45 -3.82 16.83
CA GLY A 464 -29.79 -4.00 17.38
C GLY A 464 -30.79 -3.01 16.80
N VAL A 465 -30.44 -1.72 16.83
CA VAL A 465 -31.27 -0.64 16.31
C VAL A 465 -31.62 -0.88 14.83
N VAL A 466 -30.61 -1.16 14.02
CA VAL A 466 -30.79 -1.34 12.59
C VAL A 466 -31.58 -2.62 12.28
N ALA A 467 -31.35 -3.65 13.07
CA ALA A 467 -31.96 -4.96 12.81
C ALA A 467 -33.48 -4.91 12.95
N CYS A 468 -33.97 -4.27 14.00
CA CYS A 468 -35.40 -4.23 14.31
C CYS A 468 -36.07 -2.96 13.78
N GLY A 469 -35.27 -2.06 13.20
CA GLY A 469 -35.79 -0.87 12.57
C GLY A 469 -36.22 0.21 13.55
N LEU A 470 -35.52 0.27 14.68
CA LEU A 470 -35.81 1.26 15.71
C LEU A 470 -35.51 2.68 15.17
N ARG A 471 -36.47 3.58 15.32
CA ARG A 471 -36.39 4.91 14.71
C ARG A 471 -35.77 5.98 15.60
N GLN A 472 -35.79 5.77 16.91
CA GLN A 472 -35.16 6.70 17.84
C GLN A 472 -34.41 5.92 18.92
N ILE A 473 -33.26 6.44 19.33
CA ILE A 473 -32.42 5.79 20.32
C ILE A 473 -32.51 6.49 21.68
N THR A 474 -33.20 5.84 22.61
CA THR A 474 -33.47 6.42 23.91
C THR A 474 -32.36 6.08 24.90
N ASP A 475 -32.29 6.84 25.98
CA ASP A 475 -31.28 6.60 27.01
C ASP A 475 -31.46 5.23 27.65
N ASN A 476 -32.67 4.68 27.53
CA ASN A 476 -32.98 3.38 28.10
C ASN A 476 -32.26 2.26 27.35
N ILE A 477 -32.01 2.48 26.06
CA ILE A 477 -31.25 1.52 25.26
C ILE A 477 -29.86 1.35 25.85
N PHE A 478 -29.25 2.46 26.26
CA PHE A 478 -27.89 2.43 26.78
C PHE A 478 -27.83 1.92 28.21
N LEU A 479 -28.87 2.22 29.00
CA LEU A 479 -28.92 1.73 30.37
C LEU A 479 -29.08 0.21 30.34
N THR A 480 -29.99 -0.27 29.51
CA THR A 480 -30.23 -1.70 29.39
C THR A 480 -29.01 -2.39 28.80
N THR A 481 -28.34 -1.70 27.87
CA THR A 481 -27.13 -2.25 27.25
C THR A 481 -26.06 -2.44 28.33
N ALA A 482 -25.91 -1.46 29.21
CA ALA A 482 -24.96 -1.55 30.32
C ALA A 482 -25.24 -2.76 31.20
N GLU A 483 -26.52 -3.01 31.46
CA GLU A 483 -26.92 -4.15 32.28
C GLU A 483 -26.51 -5.46 31.62
N VAL A 484 -26.71 -5.55 30.31
CA VAL A 484 -26.37 -6.75 29.56
C VAL A 484 -24.88 -7.05 29.67
N ILE A 485 -24.05 -6.01 29.59
CA ILE A 485 -22.61 -6.18 29.67
C ILE A 485 -22.20 -6.67 31.06
N ALA A 486 -22.76 -6.05 32.10
CA ALA A 486 -22.47 -6.43 33.47
C ALA A 486 -22.91 -7.88 33.74
N GLN A 487 -23.98 -8.30 33.07
CA GLN A 487 -24.51 -9.65 33.22
C GLN A 487 -23.54 -10.69 32.65
N GLN A 488 -22.74 -10.29 31.66
CA GLN A 488 -21.78 -11.21 31.04
C GLN A 488 -20.54 -11.43 31.90
N VAL A 489 -20.42 -10.68 32.99
CA VAL A 489 -19.27 -10.81 33.87
C VAL A 489 -19.58 -11.84 34.96
N SER A 490 -18.71 -12.85 35.06
CA SER A 490 -18.86 -13.90 36.05
C SER A 490 -18.34 -13.42 37.40
N ASP A 491 -18.87 -13.98 38.48
CA ASP A 491 -18.38 -13.68 39.83
C ASP A 491 -16.89 -14.02 39.92
N LYS A 492 -16.45 -14.98 39.10
CA LYS A 492 -15.05 -15.35 39.05
C LYS A 492 -14.22 -14.19 38.51
N HIS A 493 -14.69 -13.61 37.40
CA HIS A 493 -14.03 -12.45 36.81
C HIS A 493 -13.91 -11.33 37.82
N LEU A 494 -14.96 -11.16 38.62
CA LEU A 494 -14.98 -10.11 39.64
C LEU A 494 -13.92 -10.38 40.70
N GLU A 495 -13.84 -11.64 41.13
CA GLU A 495 -12.84 -12.03 42.12
C GLU A 495 -11.42 -11.84 41.58
N GLU A 496 -11.28 -11.91 40.25
CA GLU A 496 -10.00 -11.66 39.60
C GLU A 496 -9.76 -10.17 39.40
N GLY A 497 -10.78 -9.35 39.64
CA GLY A 497 -10.67 -7.92 39.51
C GLY A 497 -11.11 -7.37 38.15
N ARG A 498 -11.68 -8.23 37.30
CA ARG A 498 -12.20 -7.80 36.01
C ARG A 498 -13.62 -7.28 36.18
N LEU A 499 -13.89 -6.11 35.59
CA LEU A 499 -15.20 -5.49 35.68
C LEU A 499 -15.94 -5.60 34.35
N TYR A 500 -15.22 -6.00 33.31
CA TYR A 500 -15.82 -6.18 31.99
C TYR A 500 -15.56 -7.59 31.45
N PRO A 501 -16.38 -8.02 30.47
CA PRO A 501 -16.12 -9.30 29.82
C PRO A 501 -14.77 -9.29 29.09
N PRO A 502 -14.17 -10.47 28.87
CA PRO A 502 -12.91 -10.54 28.11
C PRO A 502 -13.08 -9.97 26.71
N LEU A 503 -12.08 -9.26 26.22
CA LEU A 503 -12.17 -8.59 24.92
C LEU A 503 -12.44 -9.55 23.76
N ASN A 504 -11.87 -10.75 23.82
CA ASN A 504 -12.04 -11.73 22.74
C ASN A 504 -13.47 -12.25 22.61
N THR A 505 -14.34 -11.89 23.56
CA THR A 505 -15.74 -12.29 23.51
C THR A 505 -16.63 -11.15 23.00
N ILE A 506 -15.99 -10.09 22.51
CA ILE A 506 -16.69 -8.86 22.16
C ILE A 506 -17.83 -9.09 21.17
N ARG A 507 -17.66 -10.03 20.24
CA ARG A 507 -18.69 -10.31 19.27
C ARG A 507 -19.92 -10.94 19.92
N ASP A 508 -19.70 -11.80 20.91
CA ASP A 508 -20.81 -12.45 21.61
C ASP A 508 -21.56 -11.42 22.48
N VAL A 509 -20.81 -10.51 23.08
CA VAL A 509 -21.39 -9.43 23.88
C VAL A 509 -22.27 -8.59 22.96
N SER A 510 -21.71 -8.18 21.82
CA SER A 510 -22.43 -7.33 20.88
C SER A 510 -23.74 -7.99 20.46
N LEU A 511 -23.69 -9.31 20.28
CA LEU A 511 -24.87 -10.06 19.90
C LEU A 511 -25.93 -9.99 20.99
N LYS A 512 -25.54 -10.32 22.23
CA LYS A 512 -26.47 -10.32 23.35
C LYS A 512 -27.03 -8.94 23.64
N ILE A 513 -26.24 -7.90 23.35
CA ILE A 513 -26.73 -6.53 23.45
C ILE A 513 -27.84 -6.31 22.42
N ALA A 514 -27.57 -6.67 21.17
CA ALA A 514 -28.51 -6.45 20.08
C ALA A 514 -29.78 -7.28 20.26
N GLU A 515 -29.65 -8.45 20.86
CA GLU A 515 -30.81 -9.32 21.10
C GLU A 515 -31.79 -8.67 22.07
N LYS A 516 -31.26 -8.06 23.12
CA LYS A 516 -32.10 -7.43 24.13
C LYS A 516 -32.89 -6.28 23.51
N ILE A 517 -32.24 -5.55 22.61
CA ILE A 517 -32.87 -4.44 21.92
C ILE A 517 -34.01 -4.94 21.04
N VAL A 518 -33.72 -5.97 20.25
CA VAL A 518 -34.71 -6.55 19.34
C VAL A 518 -35.89 -7.14 20.12
N LYS A 519 -35.59 -7.95 21.14
CA LYS A 519 -36.63 -8.55 21.96
C LYS A 519 -37.52 -7.47 22.55
N ASP A 520 -36.90 -6.48 23.18
CA ASP A 520 -37.65 -5.40 23.81
C ASP A 520 -38.43 -4.61 22.78
N ALA A 521 -37.83 -4.37 21.61
CA ALA A 521 -38.44 -3.49 20.62
C ALA A 521 -39.76 -4.05 20.09
N TYR A 522 -39.83 -5.36 19.93
CA TYR A 522 -41.08 -6.01 19.50
C TYR A 522 -42.06 -6.14 20.65
N GLN A 523 -41.55 -6.21 21.87
CA GLN A 523 -42.38 -6.29 23.05
C GLN A 523 -43.14 -4.98 23.24
N GLU A 524 -42.42 -3.87 23.25
CA GLU A 524 -43.02 -2.56 23.48
C GLU A 524 -43.35 -1.83 22.18
N LYS A 525 -43.35 -2.58 21.08
CA LYS A 525 -43.89 -2.10 19.81
C LYS A 525 -43.16 -0.89 19.22
N THR A 526 -41.87 -0.78 19.50
CA THR A 526 -41.05 0.29 18.95
C THR A 526 -40.40 -0.14 17.64
N ALA A 527 -40.49 -1.43 17.32
CA ALA A 527 -39.88 -1.97 16.11
C ALA A 527 -40.73 -1.65 14.88
N THR A 528 -40.08 -1.52 13.73
CA THR A 528 -40.75 -1.20 12.48
C THR A 528 -40.56 -2.30 11.44
N VAL A 529 -39.58 -3.17 11.67
CA VAL A 529 -39.35 -4.29 10.76
C VAL A 529 -40.40 -5.37 11.04
N TYR A 530 -41.09 -5.80 9.98
CA TYR A 530 -42.09 -6.85 10.10
C TYR A 530 -42.06 -7.75 8.87
N PRO A 531 -42.62 -8.97 8.98
CA PRO A 531 -43.28 -9.52 10.17
C PRO A 531 -42.30 -9.85 11.29
N GLU A 532 -42.80 -9.88 12.53
CA GLU A 532 -41.97 -10.17 13.69
C GLU A 532 -41.42 -11.60 13.59
N PRO A 533 -40.11 -11.77 13.84
CA PRO A 533 -39.53 -13.12 13.76
C PRO A 533 -39.87 -13.98 14.97
N GLN A 534 -40.00 -15.28 14.73
CA GLN A 534 -40.28 -16.24 15.80
C GLN A 534 -39.13 -16.25 16.80
N ASN A 535 -37.91 -16.36 16.28
CA ASN A 535 -36.70 -16.40 17.10
C ASN A 535 -35.84 -15.16 16.89
N LYS A 536 -35.69 -14.36 17.94
CA LYS A 536 -34.95 -13.11 17.86
C LYS A 536 -33.45 -13.32 17.75
N GLU A 537 -32.96 -14.33 18.47
CA GLU A 537 -31.54 -14.66 18.48
C GLU A 537 -31.08 -15.03 17.07
N ALA A 538 -31.87 -15.86 16.39
CA ALA A 538 -31.53 -16.34 15.07
C ALA A 538 -31.73 -15.24 14.04
N PHE A 539 -32.67 -14.34 14.33
CA PHE A 539 -32.96 -13.22 13.44
C PHE A 539 -31.79 -12.25 13.37
N VAL A 540 -31.18 -11.97 14.52
CA VAL A 540 -30.04 -11.08 14.58
C VAL A 540 -28.85 -11.71 13.85
N ARG A 541 -28.55 -12.97 14.16
CA ARG A 541 -27.42 -13.67 13.54
C ARG A 541 -27.52 -13.65 12.03
N SER A 542 -28.74 -13.77 11.52
CA SER A 542 -28.95 -13.82 10.07
C SER A 542 -28.49 -12.54 9.39
N GLN A 543 -28.45 -11.45 10.14
CA GLN A 543 -28.07 -10.16 9.58
C GLN A 543 -26.62 -9.78 9.91
N MET A 544 -25.94 -10.64 10.65
CA MET A 544 -24.55 -10.40 10.98
C MET A 544 -23.60 -10.79 9.85
N TYR A 545 -22.69 -9.87 9.55
CA TYR A 545 -21.70 -10.04 8.49
C TYR A 545 -20.83 -11.24 8.80
N SER A 546 -20.58 -12.06 7.78
CA SER A 546 -19.65 -13.18 7.90
C SER A 546 -18.36 -12.87 7.15
N THR A 547 -17.24 -13.35 7.68
CA THR A 547 -15.94 -13.11 7.06
C THR A 547 -15.67 -14.14 5.96
N ASP A 548 -16.58 -15.10 5.81
CA ASP A 548 -16.47 -16.09 4.74
C ASP A 548 -16.67 -15.41 3.39
N TYR A 549 -15.90 -15.83 2.39
CA TYR A 549 -16.07 -15.32 1.04
C TYR A 549 -17.42 -15.77 0.51
N ASP A 550 -18.19 -14.85 -0.05
CA ASP A 550 -19.45 -15.18 -0.68
C ASP A 550 -19.18 -15.72 -2.08
N GLN A 551 -20.11 -16.51 -2.62
CA GLN A 551 -20.02 -16.91 -4.02
C GLN A 551 -20.53 -15.77 -4.87
N ILE A 552 -19.86 -15.51 -5.98
CA ILE A 552 -20.26 -14.44 -6.88
C ILE A 552 -20.49 -15.00 -8.28
N LEU A 553 -20.16 -16.27 -8.46
CA LEU A 553 -20.48 -16.98 -9.69
C LEU A 553 -21.98 -17.17 -9.79
N PRO A 554 -22.50 -17.21 -11.03
CA PRO A 554 -23.94 -17.39 -11.24
C PRO A 554 -24.37 -18.80 -10.93
N ASP A 555 -25.57 -18.94 -10.37
CA ASP A 555 -26.13 -20.25 -10.04
C ASP A 555 -26.45 -21.00 -11.33
N CYS A 556 -25.73 -22.09 -11.58
CA CYS A 556 -25.95 -22.91 -12.77
C CYS A 556 -26.77 -24.14 -12.41
N TYR A 557 -27.78 -24.42 -13.23
CA TYR A 557 -28.62 -25.60 -13.05
C TYR A 557 -29.28 -25.92 -14.37
N SER A 558 -29.61 -27.20 -14.56
CA SER A 558 -30.11 -27.67 -15.85
C SER A 558 -31.63 -27.81 -15.85
N TRP A 559 -32.19 -27.97 -17.04
CA TRP A 559 -33.59 -28.30 -17.24
C TRP A 559 -33.64 -29.67 -17.88
N PRO A 560 -34.81 -30.32 -17.87
CA PRO A 560 -34.96 -31.58 -18.60
C PRO A 560 -34.61 -31.40 -20.07
N GLU A 561 -33.79 -32.30 -20.61
CA GLU A 561 -33.22 -32.14 -21.95
C GLU A 561 -34.28 -31.89 -23.02
N GLU A 562 -35.48 -32.41 -22.80
CA GLU A 562 -36.55 -32.29 -23.79
C GLU A 562 -36.92 -30.82 -24.05
N VAL A 563 -36.93 -30.00 -23.00
CA VAL A 563 -37.26 -28.58 -23.11
C VAL A 563 -36.00 -27.70 -23.11
N GLN A 564 -34.85 -28.36 -23.08
CA GLN A 564 -33.56 -27.68 -23.05
C GLN A 564 -32.96 -27.67 -24.44
N LYS A 565 -33.34 -28.67 -25.25
CA LYS A 565 -32.82 -28.83 -26.60
C LYS A 565 -33.05 -27.59 -27.47
N ILE A 566 -32.13 -27.37 -28.41
CA ILE A 566 -32.26 -26.31 -29.38
C ILE A 566 -33.16 -26.80 -30.51
N GLN A 567 -34.21 -26.05 -30.81
CA GLN A 567 -35.16 -26.43 -31.86
C GLN A 567 -34.60 -26.15 -33.25
N THR A 568 -34.89 -27.03 -34.20
CA THR A 568 -34.37 -26.93 -35.57
C THR A 568 -35.44 -27.15 -36.64
N LYS A 569 -36.60 -27.65 -36.23
CA LYS A 569 -37.68 -27.99 -37.16
C LYS A 569 -37.22 -29.02 -38.19
N ARG B 8 -6.94 15.30 -24.88
CA ARG B 8 -6.14 14.26 -25.52
C ARG B 8 -6.98 12.99 -25.69
N ARG B 9 -7.23 12.30 -24.58
CA ARG B 9 -8.01 11.08 -24.56
C ARG B 9 -9.36 11.34 -23.90
N HIS B 10 -10.35 10.53 -24.24
CA HIS B 10 -11.69 10.63 -23.66
C HIS B 10 -12.09 9.27 -23.13
N THR B 11 -12.45 9.24 -21.85
CA THR B 11 -12.80 8.00 -21.18
C THR B 11 -14.28 8.00 -20.81
N HIS B 12 -14.88 6.81 -20.84
CA HIS B 12 -16.29 6.65 -20.48
C HIS B 12 -16.41 6.18 -19.03
N GLN B 13 -15.28 5.85 -18.41
CA GLN B 13 -15.27 5.39 -17.03
C GLN B 13 -15.60 6.56 -16.10
N ARG B 14 -16.35 6.28 -15.04
CA ARG B 14 -16.87 7.33 -14.16
C ARG B 14 -16.96 6.87 -12.72
N GLY B 15 -16.99 7.84 -11.81
CA GLY B 15 -17.27 7.56 -10.42
C GLY B 15 -16.16 6.79 -9.73
N TYR B 16 -16.55 5.93 -8.81
CA TYR B 16 -15.62 5.20 -7.96
C TYR B 16 -14.62 4.37 -8.75
N LEU B 17 -15.12 3.62 -9.74
CA LEU B 17 -14.26 2.73 -10.53
C LEU B 17 -13.15 3.50 -11.25
N LEU B 18 -13.41 4.75 -11.58
CA LEU B 18 -12.41 5.59 -12.25
C LEU B 18 -11.22 5.85 -11.33
N THR B 19 -11.48 6.04 -10.05
CA THR B 19 -10.41 6.27 -9.07
C THR B 19 -9.57 5.00 -8.89
N ARG B 20 -10.14 3.86 -9.28
CA ARG B 20 -9.46 2.58 -9.12
C ARG B 20 -8.60 2.24 -10.33
N ASN B 21 -8.65 3.10 -11.34
CA ASN B 21 -7.82 2.95 -12.54
C ASN B 21 -6.56 3.79 -12.39
N PRO B 22 -5.39 3.14 -12.24
CA PRO B 22 -4.16 3.92 -12.04
C PRO B 22 -3.70 4.71 -13.28
N HIS B 23 -4.30 4.44 -14.43
CA HIS B 23 -3.94 5.14 -15.66
C HIS B 23 -4.68 6.48 -15.78
N LEU B 24 -5.78 6.63 -15.05
CA LEU B 24 -6.63 7.80 -15.17
C LEU B 24 -6.68 8.59 -13.86
N ASN B 25 -6.41 7.90 -12.76
CA ASN B 25 -6.56 8.50 -11.44
C ASN B 25 -5.49 9.56 -11.16
N LYS B 26 -5.94 10.76 -10.84
CA LYS B 26 -5.05 11.88 -10.52
C LYS B 26 -5.01 12.23 -9.04
N ASP B 27 -5.80 11.53 -8.22
CA ASP B 27 -5.93 11.86 -6.80
C ASP B 27 -6.30 13.34 -6.64
N LEU B 28 -5.59 14.06 -5.78
CA LEU B 28 -5.91 15.45 -5.46
C LEU B 28 -5.60 16.40 -6.61
N ALA B 29 -4.96 15.91 -7.66
CA ALA B 29 -4.70 16.73 -8.84
C ALA B 29 -5.98 16.93 -9.66
N PHE B 30 -6.99 16.10 -9.42
CA PHE B 30 -8.32 16.34 -9.97
C PHE B 30 -8.84 17.68 -9.50
N THR B 31 -9.13 18.57 -10.44
CA THR B 31 -9.73 19.85 -10.10
C THR B 31 -11.17 19.63 -9.66
N LEU B 32 -11.80 20.68 -9.14
CA LEU B 32 -13.20 20.60 -8.75
C LEU B 32 -14.10 20.29 -9.94
N GLU B 33 -13.88 21.01 -11.05
CA GLU B 33 -14.66 20.79 -12.27
C GLU B 33 -14.59 19.32 -12.67
N GLU B 34 -13.38 18.78 -12.72
CA GLU B 34 -13.17 17.38 -13.10
C GLU B 34 -13.91 16.45 -12.16
N ARG B 35 -13.79 16.67 -10.86
CA ARG B 35 -14.43 15.81 -9.86
C ARG B 35 -15.93 15.78 -10.05
N GLN B 36 -16.52 16.96 -10.24
CA GLN B 36 -17.95 17.07 -10.44
C GLN B 36 -18.38 16.40 -11.75
N GLN B 37 -17.67 16.71 -12.83
CA GLN B 37 -18.01 16.15 -14.13
C GLN B 37 -17.76 14.64 -14.18
N LEU B 38 -16.83 14.16 -13.36
CA LEU B 38 -16.51 12.74 -13.34
C LEU B 38 -17.29 11.97 -12.28
N ASN B 39 -18.21 12.66 -11.59
CA ASN B 39 -19.04 12.08 -10.55
C ASN B 39 -18.24 11.49 -9.36
N ILE B 40 -17.15 12.16 -8.97
CA ILE B 40 -16.35 11.69 -7.83
C ILE B 40 -16.19 12.73 -6.73
N HIS B 41 -16.87 13.87 -6.88
CA HIS B 41 -16.79 14.92 -5.87
C HIS B 41 -17.31 14.39 -4.53
N GLY B 42 -16.50 14.48 -3.49
CA GLY B 42 -16.84 13.93 -2.19
C GLY B 42 -16.02 12.71 -1.83
N LEU B 43 -15.45 12.05 -2.83
CA LEU B 43 -14.61 10.88 -2.61
C LEU B 43 -13.19 11.28 -2.26
N LEU B 44 -12.89 12.57 -2.38
CA LEU B 44 -11.57 13.11 -2.12
C LEU B 44 -11.63 14.29 -1.17
N PRO B 45 -10.58 14.48 -0.35
CA PRO B 45 -10.51 15.66 0.53
C PRO B 45 -10.61 16.96 -0.28
N PRO B 46 -11.13 18.04 0.32
CA PRO B 46 -11.38 19.31 -0.36
C PRO B 46 -10.13 20.16 -0.60
N SER B 47 -9.03 19.52 -1.00
CA SER B 47 -7.83 20.25 -1.41
C SER B 47 -7.46 19.86 -2.85
N PHE B 48 -6.81 20.77 -3.56
CA PHE B 48 -6.41 20.55 -4.94
C PHE B 48 -4.91 20.81 -5.05
N ASN B 49 -4.17 19.76 -5.38
CA ASN B 49 -2.72 19.84 -5.48
C ASN B 49 -2.21 19.86 -6.91
N SER B 50 -1.14 20.60 -7.13
CA SER B 50 -0.41 20.49 -8.39
C SER B 50 0.38 19.19 -8.33
N GLN B 51 0.95 18.81 -9.46
CA GLN B 51 1.70 17.56 -9.53
C GLN B 51 2.96 17.63 -8.65
N GLU B 52 3.55 18.82 -8.54
CA GLU B 52 4.78 18.99 -7.77
C GLU B 52 4.52 18.86 -6.26
N ILE B 53 3.31 19.22 -5.84
CA ILE B 53 2.92 19.05 -4.44
C ILE B 53 2.74 17.58 -4.12
N GLN B 54 2.16 16.83 -5.05
CA GLN B 54 2.00 15.40 -4.89
C GLN B 54 3.37 14.76 -4.72
N VAL B 55 4.35 15.27 -5.48
CA VAL B 55 5.72 14.79 -5.37
C VAL B 55 6.23 15.09 -3.98
N LEU B 56 5.94 16.29 -3.48
CA LEU B 56 6.40 16.70 -2.16
C LEU B 56 5.82 15.81 -1.07
N ARG B 57 4.66 15.20 -1.32
CA ARG B 57 4.08 14.30 -0.32
C ARG B 57 4.78 12.94 -0.34
N VAL B 58 5.01 12.40 -1.54
CA VAL B 58 5.61 11.07 -1.69
C VAL B 58 7.05 11.01 -1.17
N VAL B 59 7.88 11.94 -1.63
CA VAL B 59 9.28 12.02 -1.21
C VAL B 59 9.42 12.15 0.31
N LYS B 60 8.47 12.84 0.93
CA LYS B 60 8.48 13.07 2.38
C LYS B 60 8.16 11.76 3.09
N ASN B 61 7.23 10.99 2.53
CA ASN B 61 6.96 9.65 3.02
C ASN B 61 8.17 8.77 2.78
N PHE B 62 8.73 8.93 1.58
CA PHE B 62 9.88 8.16 1.15
C PHE B 62 11.05 8.27 2.13
N GLU B 63 11.34 9.49 2.57
CA GLU B 63 12.52 9.77 3.40
C GLU B 63 12.37 9.23 4.82
N HIS B 64 11.14 8.95 5.23
CA HIS B 64 10.86 8.46 6.59
C HIS B 64 11.05 6.95 6.69
N LEU B 65 11.41 6.32 5.59
CA LEU B 65 11.60 4.88 5.55
C LEU B 65 13.07 4.54 5.83
N ASN B 66 13.29 3.36 6.40
CA ASN B 66 14.61 2.99 6.89
C ASN B 66 15.28 1.87 6.09
N SER B 67 14.66 1.48 4.98
CA SER B 67 15.22 0.44 4.12
C SER B 67 14.82 0.62 2.66
N ASP B 68 15.69 0.19 1.76
CA ASP B 68 15.41 0.26 0.33
C ASP B 68 14.22 -0.63 -0.03
N PHE B 69 13.97 -1.64 0.78
CA PHE B 69 12.87 -2.54 0.51
C PHE B 69 11.56 -1.83 0.77
N ASP B 70 11.43 -1.19 1.93
CA ASP B 70 10.21 -0.44 2.25
C ASP B 70 10.02 0.68 1.23
N ARG B 71 11.12 1.25 0.75
CA ARG B 71 11.08 2.27 -0.28
C ARG B 71 10.50 1.71 -1.56
N TYR B 72 10.93 0.50 -1.92
CA TYR B 72 10.43 -0.20 -3.09
C TYR B 72 8.93 -0.40 -2.97
N LEU B 73 8.48 -0.82 -1.78
CA LEU B 73 7.06 -1.08 -1.56
C LEU B 73 6.25 0.19 -1.71
N LEU B 74 6.74 1.29 -1.17
CA LEU B 74 6.02 2.56 -1.28
C LEU B 74 5.79 2.93 -2.73
N LEU B 75 6.81 2.73 -3.57
CA LEU B 75 6.73 3.16 -4.97
C LEU B 75 5.84 2.23 -5.79
N MET B 76 5.82 0.95 -5.44
CA MET B 76 4.94 0.00 -6.13
C MET B 76 3.50 0.31 -5.80
N ASP B 77 3.22 0.68 -4.56
CA ASP B 77 1.88 1.08 -4.15
C ASP B 77 1.46 2.27 -4.99
N LEU B 78 2.37 3.22 -5.14
CA LEU B 78 2.10 4.43 -5.92
C LEU B 78 1.79 4.08 -7.37
N GLN B 79 2.60 3.19 -7.94
CA GLN B 79 2.40 2.75 -9.32
C GLN B 79 1.00 2.17 -9.49
N ASP B 80 0.57 1.36 -8.53
CA ASP B 80 -0.71 0.69 -8.64
C ASP B 80 -1.87 1.62 -8.30
N ARG B 81 -1.56 2.87 -7.96
CA ARG B 81 -2.58 3.85 -7.57
C ARG B 81 -2.70 4.97 -8.61
N ASN B 82 -1.55 5.51 -9.02
CA ASN B 82 -1.48 6.68 -9.89
C ASN B 82 -0.23 6.61 -10.75
N GLU B 83 -0.38 6.09 -11.97
CA GLU B 83 0.74 5.79 -12.85
C GLU B 83 1.55 7.03 -13.22
N LYS B 84 0.86 8.13 -13.50
CA LYS B 84 1.52 9.38 -13.90
C LYS B 84 2.43 9.91 -12.79
N LEU B 85 1.93 9.88 -11.57
CA LEU B 85 2.67 10.42 -10.42
C LEU B 85 3.88 9.56 -10.13
N PHE B 86 3.70 8.24 -10.20
CA PHE B 86 4.78 7.28 -10.08
C PHE B 86 5.95 7.66 -10.96
N TYR B 87 5.69 7.84 -12.25
CA TYR B 87 6.74 8.12 -13.20
C TYR B 87 7.30 9.53 -13.05
N ARG B 88 6.45 10.45 -12.60
CA ARG B 88 6.91 11.81 -12.33
C ARG B 88 7.92 11.79 -11.18
N VAL B 89 7.65 10.97 -10.17
CA VAL B 89 8.56 10.80 -9.04
C VAL B 89 9.87 10.15 -9.52
N LEU B 90 9.73 9.08 -10.31
CA LEU B 90 10.89 8.38 -10.85
C LEU B 90 11.80 9.32 -11.63
N THR B 91 11.22 10.12 -12.51
CA THR B 91 12.01 11.01 -13.35
C THR B 91 12.47 12.27 -12.63
N SER B 92 12.04 12.46 -11.38
CA SER B 92 12.43 13.66 -10.65
C SER B 92 13.84 13.53 -10.11
N ASP B 93 14.31 12.28 -10.01
CA ASP B 93 15.68 11.97 -9.62
C ASP B 93 15.94 10.53 -10.04
N ILE B 94 16.15 10.35 -11.33
CA ILE B 94 16.23 9.02 -11.92
C ILE B 94 17.37 8.20 -11.31
N GLU B 95 18.47 8.87 -10.97
CA GLU B 95 19.63 8.20 -10.41
C GLU B 95 19.33 7.66 -9.02
N LYS B 96 18.47 8.35 -8.30
CA LYS B 96 18.07 7.95 -6.96
C LYS B 96 17.10 6.77 -7.02
N PHE B 97 16.10 6.85 -7.89
CA PHE B 97 14.99 5.91 -7.85
C PHE B 97 15.17 4.67 -8.71
N MET B 98 16.05 4.76 -9.71
CA MET B 98 16.34 3.61 -10.56
C MET B 98 16.78 2.37 -9.75
N PRO B 99 17.76 2.53 -8.85
CA PRO B 99 18.23 1.36 -8.11
C PRO B 99 17.27 0.86 -7.04
N ILE B 100 16.13 1.55 -6.88
CA ILE B 100 15.08 1.13 -5.96
C ILE B 100 14.02 0.27 -6.66
N VAL B 101 13.59 0.69 -7.84
CA VAL B 101 12.54 -0.04 -8.56
C VAL B 101 13.13 -1.18 -9.41
N TYR B 102 14.39 -1.03 -9.80
CA TYR B 102 15.08 -2.07 -10.55
C TYR B 102 16.31 -2.51 -9.73
N THR B 103 17.34 -3.05 -10.38
CA THR B 103 18.48 -3.62 -9.68
C THR B 103 19.22 -2.55 -8.85
N PRO B 104 19.68 -2.89 -7.63
CA PRO B 104 19.67 -4.20 -6.97
C PRO B 104 18.50 -4.45 -6.03
N THR B 105 17.68 -3.45 -5.74
CA THR B 105 16.61 -3.61 -4.74
C THR B 105 15.54 -4.59 -5.20
N VAL B 106 15.19 -4.54 -6.48
CA VAL B 106 14.16 -5.41 -7.03
C VAL B 106 14.53 -6.87 -6.84
N GLY B 107 15.82 -7.15 -6.72
CA GLY B 107 16.29 -8.50 -6.48
C GLY B 107 15.85 -8.98 -5.11
N LEU B 108 16.02 -8.13 -4.11
CA LEU B 108 15.61 -8.45 -2.75
C LEU B 108 14.09 -8.59 -2.68
N ALA B 109 13.40 -7.76 -3.46
CA ALA B 109 11.95 -7.82 -3.55
C ALA B 109 11.51 -9.18 -4.11
N CYS B 110 12.20 -9.66 -5.14
CA CYS B 110 11.89 -10.96 -5.72
C CYS B 110 12.04 -12.07 -4.68
N GLN B 111 13.04 -11.96 -3.82
CA GLN B 111 13.24 -12.95 -2.76
C GLN B 111 12.05 -13.00 -1.79
N GLN B 112 11.51 -11.83 -1.48
CA GLN B 112 10.41 -11.70 -0.52
C GLN B 112 9.05 -11.61 -1.23
N TYR B 113 9.04 -11.89 -2.52
CA TYR B 113 7.87 -11.61 -3.36
C TYR B 113 6.62 -12.37 -2.92
N SER B 114 6.80 -13.62 -2.50
CA SER B 114 5.67 -14.45 -2.09
C SER B 114 5.14 -14.00 -0.74
N LEU B 115 6.04 -13.43 0.07
CA LEU B 115 5.65 -12.97 1.39
C LEU B 115 4.92 -11.65 1.29
N VAL B 116 5.44 -10.76 0.46
CA VAL B 116 4.97 -9.38 0.40
C VAL B 116 3.95 -9.18 -0.72
N PHE B 117 3.45 -10.28 -1.27
CA PHE B 117 2.53 -10.22 -2.41
C PHE B 117 1.22 -9.55 -2.06
N ARG B 118 0.84 -8.53 -2.83
CA ARG B 118 -0.39 -7.78 -2.58
C ARG B 118 -1.11 -7.49 -3.89
N LYS B 119 -0.81 -6.35 -4.49
CA LYS B 119 -1.45 -5.94 -5.73
C LYS B 119 -0.70 -6.54 -6.92
N PRO B 120 -1.30 -7.54 -7.58
CA PRO B 120 -0.58 -8.15 -8.69
C PRO B 120 -0.34 -7.18 -9.86
N ARG B 121 0.84 -7.26 -10.45
CA ARG B 121 1.14 -6.57 -11.70
C ARG B 121 1.43 -7.63 -12.75
N GLY B 122 1.23 -7.30 -14.02
CA GLY B 122 1.62 -8.19 -15.10
C GLY B 122 0.79 -9.47 -15.22
N LEU B 123 1.29 -10.38 -16.05
CA LEU B 123 0.53 -11.54 -16.50
C LEU B 123 1.30 -12.83 -16.18
N PHE B 124 0.60 -13.79 -15.57
CA PHE B 124 1.18 -15.07 -15.21
C PHE B 124 0.69 -16.16 -16.16
N ILE B 125 1.63 -16.83 -16.81
CA ILE B 125 1.30 -17.90 -17.77
C ILE B 125 2.08 -19.14 -17.38
N THR B 126 1.39 -20.28 -17.31
CA THR B 126 1.99 -21.51 -16.82
C THR B 126 1.98 -22.60 -17.87
N ILE B 127 2.84 -23.61 -17.67
CA ILE B 127 2.94 -24.75 -18.56
C ILE B 127 1.60 -25.50 -18.60
N HIS B 128 0.79 -25.31 -17.58
CA HIS B 128 -0.52 -25.95 -17.51
C HIS B 128 -1.55 -25.19 -18.33
N ASP B 129 -1.18 -24.01 -18.82
CA ASP B 129 -2.04 -23.24 -19.71
C ASP B 129 -1.70 -23.56 -21.16
N ARG B 130 -0.84 -24.56 -21.35
CA ARG B 130 -0.45 -25.04 -22.68
C ARG B 130 -1.69 -25.28 -23.54
N GLY B 131 -1.69 -24.72 -24.74
CA GLY B 131 -2.82 -24.84 -25.65
C GLY B 131 -3.86 -23.76 -25.47
N HIS B 132 -3.69 -22.93 -24.45
CA HIS B 132 -4.69 -21.93 -24.07
C HIS B 132 -4.09 -20.55 -23.80
N ILE B 133 -2.83 -20.37 -24.18
CA ILE B 133 -2.12 -19.12 -23.88
C ILE B 133 -2.87 -17.91 -24.44
N ALA B 134 -3.47 -18.09 -25.60
CA ALA B 134 -4.20 -17.01 -26.27
C ALA B 134 -5.32 -16.45 -25.38
N SER B 135 -5.89 -17.31 -24.55
CA SER B 135 -7.03 -16.92 -23.71
C SER B 135 -6.54 -16.25 -22.42
N VAL B 136 -5.35 -16.61 -21.98
CA VAL B 136 -4.77 -15.98 -20.80
C VAL B 136 -4.43 -14.54 -21.12
N LEU B 137 -4.00 -14.32 -22.35
CA LEU B 137 -3.68 -12.99 -22.87
C LEU B 137 -4.89 -12.07 -22.82
N ASN B 138 -6.07 -12.63 -23.07
CA ASN B 138 -7.29 -11.83 -23.12
C ASN B 138 -7.73 -11.32 -21.75
N ALA B 139 -7.10 -11.82 -20.69
CA ALA B 139 -7.39 -11.34 -19.35
C ALA B 139 -6.72 -9.99 -19.08
N TRP B 140 -5.72 -9.66 -19.88
CA TRP B 140 -5.01 -8.39 -19.73
C TRP B 140 -5.86 -7.26 -20.33
N PRO B 141 -6.18 -6.22 -19.54
CA PRO B 141 -7.14 -5.19 -19.96
C PRO B 141 -6.65 -4.22 -21.04
N GLU B 142 -5.39 -4.29 -21.46
CA GLU B 142 -4.89 -3.47 -22.57
C GLU B 142 -4.76 -4.34 -23.82
N ASP B 143 -5.32 -3.85 -24.93
CA ASP B 143 -5.34 -4.60 -26.19
C ASP B 143 -4.20 -4.18 -27.10
N VAL B 144 -3.63 -3.01 -26.83
CA VAL B 144 -2.50 -2.50 -27.60
C VAL B 144 -1.21 -2.67 -26.79
N ILE B 145 -0.39 -3.62 -27.22
CA ILE B 145 0.89 -3.91 -26.58
C ILE B 145 2.01 -3.79 -27.60
N LYS B 146 3.03 -3.03 -27.24
CA LYS B 146 4.16 -2.76 -28.11
C LYS B 146 5.48 -3.28 -27.53
N ALA B 147 5.47 -3.60 -26.23
CA ALA B 147 6.68 -4.08 -25.58
C ALA B 147 6.34 -5.08 -24.47
N ILE B 148 6.90 -6.28 -24.58
CA ILE B 148 6.75 -7.31 -23.57
C ILE B 148 8.12 -7.66 -23.00
N VAL B 149 8.16 -7.84 -21.69
CA VAL B 149 9.35 -8.38 -21.04
C VAL B 149 8.93 -9.66 -20.34
N VAL B 150 9.64 -10.74 -20.65
CA VAL B 150 9.28 -12.07 -20.16
C VAL B 150 10.48 -12.73 -19.49
N THR B 151 10.23 -13.46 -18.41
CA THR B 151 11.24 -14.29 -17.78
C THR B 151 10.56 -15.55 -17.24
N ASP B 152 11.34 -16.60 -17.01
CA ASP B 152 10.85 -17.81 -16.37
C ASP B 152 11.45 -17.95 -14.97
N GLY B 153 12.25 -16.97 -14.57
CA GLY B 153 12.77 -16.87 -13.23
C GLY B 153 13.86 -17.86 -12.86
N GLU B 154 14.43 -18.55 -13.85
CA GLU B 154 15.41 -19.61 -13.56
C GLU B 154 16.79 -19.07 -13.16
N ARG B 155 17.17 -17.92 -13.69
CA ARG B 155 18.47 -17.34 -13.40
C ARG B 155 18.37 -15.83 -13.21
N ILE B 156 17.74 -15.42 -12.10
CA ILE B 156 17.72 -14.02 -11.70
C ILE B 156 19.15 -13.66 -11.34
N LEU B 157 19.70 -12.65 -12.01
CA LEU B 157 21.14 -12.37 -11.97
C LEU B 157 21.70 -12.27 -10.54
N GLY B 158 22.62 -13.16 -10.21
CA GLY B 158 23.25 -13.17 -8.90
C GLY B 158 22.43 -13.82 -7.79
N LEU B 159 21.17 -14.14 -8.10
CA LEU B 159 20.22 -14.58 -7.08
C LEU B 159 19.69 -16.00 -7.32
N GLY B 160 19.85 -16.50 -8.54
CA GLY B 160 19.48 -17.87 -8.85
C GLY B 160 18.03 -18.03 -9.26
N ASP B 161 17.49 -19.22 -8.99
CA ASP B 161 16.14 -19.60 -9.39
C ASP B 161 15.12 -19.16 -8.35
N LEU B 162 14.35 -18.12 -8.69
CA LEU B 162 13.32 -17.60 -7.81
C LEU B 162 11.92 -17.90 -8.34
N GLY B 163 11.85 -18.73 -9.38
CA GLY B 163 10.57 -19.17 -9.90
C GLY B 163 9.61 -18.03 -10.17
N CYS B 164 8.36 -18.22 -9.77
CA CYS B 164 7.31 -17.26 -10.05
C CYS B 164 7.52 -15.94 -9.29
N ASN B 165 8.42 -15.95 -8.33
CA ASN B 165 8.76 -14.71 -7.62
C ASN B 165 9.58 -13.78 -8.49
N GLY B 166 9.96 -14.22 -9.69
CA GLY B 166 10.77 -13.42 -10.57
C GLY B 166 9.96 -12.34 -11.28
N MET B 167 8.65 -12.30 -11.05
CA MET B 167 7.76 -11.35 -11.71
C MET B 167 8.17 -9.92 -11.44
N GLY B 168 8.92 -9.71 -10.36
CA GLY B 168 9.38 -8.38 -10.00
C GLY B 168 10.32 -7.79 -11.02
N ILE B 169 11.09 -8.64 -11.72
CA ILE B 169 12.08 -8.16 -12.69
C ILE B 169 11.43 -7.52 -13.94
N PRO B 170 10.57 -8.27 -14.67
CA PRO B 170 9.90 -7.65 -15.81
C PRO B 170 9.21 -6.34 -15.43
N VAL B 171 8.47 -6.37 -14.33
CA VAL B 171 7.75 -5.20 -13.84
C VAL B 171 8.71 -4.03 -13.61
N GLY B 172 9.82 -4.31 -12.91
CA GLY B 172 10.80 -3.28 -12.61
C GLY B 172 11.47 -2.76 -13.87
N LYS B 173 11.77 -3.64 -14.80
CA LYS B 173 12.51 -3.25 -16.00
C LYS B 173 11.64 -2.35 -16.88
N LEU B 174 10.35 -2.69 -16.98
CA LEU B 174 9.44 -1.92 -17.81
C LEU B 174 9.19 -0.53 -17.20
N ALA B 175 9.34 -0.42 -15.88
CA ALA B 175 9.24 0.88 -15.23
C ALA B 175 10.34 1.79 -15.77
N LEU B 176 11.47 1.19 -16.15
CA LEU B 176 12.60 1.91 -16.72
C LEU B 176 12.45 2.13 -18.23
N TYR B 177 11.86 1.17 -18.93
CA TYR B 177 11.44 1.37 -20.32
C TYR B 177 10.73 2.71 -20.43
N THR B 178 9.73 2.89 -19.57
CA THR B 178 8.94 4.11 -19.54
C THR B 178 9.73 5.30 -18.96
N ALA B 179 10.30 5.12 -17.77
CA ALA B 179 10.96 6.21 -17.07
C ALA B 179 12.18 6.75 -17.82
N CYS B 180 12.95 5.84 -18.43
CA CYS B 180 14.21 6.22 -19.10
C CYS B 180 14.04 6.37 -20.62
N GLY B 181 13.04 5.70 -21.18
CA GLY B 181 12.88 5.62 -22.63
C GLY B 181 11.60 6.23 -23.17
N GLY B 182 10.65 6.53 -22.29
CA GLY B 182 9.42 7.19 -22.71
C GLY B 182 8.45 6.24 -23.37
N MET B 183 8.65 4.95 -23.16
CA MET B 183 7.69 3.95 -23.62
C MET B 183 6.36 4.19 -22.88
N ASN B 184 5.23 4.03 -23.57
CA ASN B 184 3.92 4.18 -22.93
C ASN B 184 3.63 2.95 -22.06
N PRO B 185 3.50 3.14 -20.73
CA PRO B 185 3.35 1.98 -19.84
C PRO B 185 2.08 1.15 -20.09
N GLN B 186 1.02 1.78 -20.59
CA GLN B 186 -0.20 1.06 -20.90
C GLN B 186 0.04 0.07 -22.04
N GLU B 187 1.11 0.29 -22.80
CA GLU B 187 1.44 -0.54 -23.95
C GLU B 187 2.53 -1.55 -23.60
N CYS B 188 2.83 -1.67 -22.30
CA CYS B 188 3.86 -2.58 -21.83
C CYS B 188 3.24 -3.72 -21.04
N LEU B 189 3.82 -4.91 -21.18
CA LEU B 189 3.28 -6.12 -20.57
C LEU B 189 4.38 -6.93 -19.92
N PRO B 190 4.40 -6.97 -18.57
CA PRO B 190 5.33 -7.86 -17.88
C PRO B 190 4.81 -9.29 -17.86
N VAL B 191 5.63 -10.28 -18.19
CA VAL B 191 5.18 -11.66 -18.21
C VAL B 191 6.13 -12.55 -17.42
N ILE B 192 5.56 -13.48 -16.66
CA ILE B 192 6.33 -14.57 -16.07
C ILE B 192 5.81 -15.87 -16.67
N LEU B 193 6.73 -16.76 -17.03
CA LEU B 193 6.37 -18.10 -17.46
C LEU B 193 6.73 -19.05 -16.33
N ASP B 194 5.72 -19.55 -15.64
CA ASP B 194 5.93 -20.48 -14.54
C ASP B 194 5.87 -21.92 -15.06
N VAL B 195 7.04 -22.55 -15.13
CA VAL B 195 7.16 -23.95 -15.49
C VAL B 195 7.63 -24.76 -14.28
N GLY B 196 7.72 -24.09 -13.13
CA GLY B 196 8.20 -24.72 -11.92
C GLY B 196 9.46 -24.05 -11.41
N THR B 197 10.02 -24.56 -10.33
CA THR B 197 11.25 -24.01 -9.76
C THR B 197 12.06 -25.13 -9.10
N GLU B 198 13.38 -24.99 -9.13
CA GLU B 198 14.27 -25.96 -8.49
C GLU B 198 14.68 -25.48 -7.10
N ASN B 199 14.08 -24.37 -6.66
CA ASN B 199 14.37 -23.79 -5.36
C ASN B 199 13.57 -24.49 -4.27
N GLU B 200 14.21 -25.39 -3.52
CA GLU B 200 13.49 -26.17 -2.50
C GLU B 200 12.99 -25.23 -1.41
N GLU B 201 13.66 -24.09 -1.23
CA GLU B 201 13.30 -23.13 -0.19
C GLU B 201 11.90 -22.56 -0.45
N LEU B 202 11.55 -22.37 -1.72
CA LEU B 202 10.21 -21.91 -2.10
C LEU B 202 9.23 -23.08 -2.14
N LEU B 203 9.74 -24.26 -2.49
CA LEU B 203 8.90 -25.46 -2.57
C LEU B 203 8.39 -25.92 -1.21
N LYS B 204 9.04 -25.48 -0.13
CA LYS B 204 8.58 -25.81 1.22
C LYS B 204 7.97 -24.60 1.93
N ASP B 205 7.98 -23.45 1.27
CA ASP B 205 7.36 -22.24 1.82
C ASP B 205 5.85 -22.28 1.55
N PRO B 206 5.04 -22.43 2.62
CA PRO B 206 3.59 -22.47 2.38
C PRO B 206 3.02 -21.22 1.70
N LEU B 207 3.78 -20.13 1.70
CA LEU B 207 3.32 -18.87 1.11
C LEU B 207 3.75 -18.71 -0.35
N TYR B 208 4.48 -19.69 -0.88
CA TYR B 208 4.94 -19.59 -2.26
C TYR B 208 3.77 -19.46 -3.24
N ILE B 209 3.82 -18.42 -4.07
CA ILE B 209 2.72 -18.06 -4.96
C ILE B 209 2.77 -18.79 -6.30
N GLY B 210 3.90 -19.44 -6.56
CA GLY B 210 4.10 -20.14 -7.82
C GLY B 210 3.64 -21.57 -7.77
N LEU B 211 3.88 -22.30 -8.86
CA LEU B 211 3.58 -23.71 -8.91
C LEU B 211 4.55 -24.44 -8.00
N ARG B 212 4.02 -25.33 -7.18
CA ARG B 212 4.84 -26.11 -6.28
C ARG B 212 5.27 -27.41 -6.98
N GLN B 213 6.10 -27.28 -8.00
CA GLN B 213 6.60 -28.45 -8.74
C GLN B 213 7.98 -28.20 -9.34
N ARG B 214 8.64 -29.27 -9.75
CA ARG B 214 9.95 -29.18 -10.41
C ARG B 214 9.78 -28.58 -11.80
N ARG B 215 10.85 -28.00 -12.33
CA ARG B 215 10.81 -27.36 -13.63
C ARG B 215 10.61 -28.36 -14.75
N VAL B 216 9.70 -28.05 -15.66
CA VAL B 216 9.53 -28.84 -16.87
C VAL B 216 10.64 -28.52 -17.87
N ARG B 217 11.22 -29.57 -18.46
CA ARG B 217 12.35 -29.44 -19.36
C ARG B 217 12.00 -29.99 -20.74
N GLY B 218 12.94 -29.88 -21.67
CA GLY B 218 12.86 -30.58 -22.94
C GLY B 218 11.80 -30.05 -23.89
N SER B 219 11.19 -30.98 -24.63
CA SER B 219 10.26 -30.63 -25.69
C SER B 219 8.97 -30.02 -25.15
N GLU B 220 8.63 -30.37 -23.91
CA GLU B 220 7.43 -29.82 -23.28
C GLU B 220 7.62 -28.33 -23.03
N TYR B 221 8.85 -27.97 -22.68
CA TYR B 221 9.21 -26.58 -22.42
C TYR B 221 9.40 -25.85 -23.75
N ASP B 222 10.13 -26.47 -24.68
CA ASP B 222 10.39 -25.88 -25.98
C ASP B 222 9.09 -25.56 -26.73
N ASP B 223 8.16 -26.51 -26.73
CA ASP B 223 6.88 -26.33 -27.41
C ASP B 223 6.03 -25.26 -26.72
N PHE B 224 6.21 -25.12 -25.42
CA PHE B 224 5.47 -24.14 -24.64
C PHE B 224 5.90 -22.71 -25.00
N LEU B 225 7.20 -22.50 -25.16
CA LEU B 225 7.71 -21.20 -25.60
C LEU B 225 7.27 -20.89 -27.03
N ASP B 226 7.23 -21.90 -27.88
CA ASP B 226 6.81 -21.72 -29.27
C ASP B 226 5.38 -21.17 -29.33
N GLU B 227 4.52 -21.63 -28.42
CA GLU B 227 3.13 -21.17 -28.40
C GLU B 227 3.05 -19.75 -27.87
N PHE B 228 3.89 -19.43 -26.90
CA PHE B 228 3.91 -18.10 -26.31
C PHE B 228 4.22 -17.04 -27.36
N MET B 229 5.22 -17.32 -28.19
CA MET B 229 5.64 -16.38 -29.22
C MET B 229 4.57 -16.26 -30.29
N GLU B 230 3.91 -17.38 -30.59
CA GLU B 230 2.85 -17.40 -31.58
C GLU B 230 1.63 -16.61 -31.10
N ALA B 231 1.21 -16.87 -29.86
CA ALA B 231 0.02 -16.24 -29.31
C ALA B 231 0.22 -14.74 -29.18
N VAL B 232 1.42 -14.34 -28.77
CA VAL B 232 1.72 -12.94 -28.55
C VAL B 232 1.80 -12.17 -29.86
N SER B 233 2.48 -12.75 -30.84
CA SER B 233 2.65 -12.10 -32.14
C SER B 233 1.30 -12.03 -32.85
N SER B 234 0.49 -13.08 -32.69
CA SER B 234 -0.84 -13.12 -33.29
C SER B 234 -1.74 -12.02 -32.75
N LYS B 235 -1.75 -11.87 -31.42
CA LYS B 235 -2.67 -10.94 -30.78
C LYS B 235 -2.22 -9.49 -30.91
N TYR B 236 -0.95 -9.25 -30.63
CA TYR B 236 -0.41 -7.89 -30.55
C TYR B 236 0.34 -7.47 -31.81
N GLY B 237 0.49 -8.40 -32.75
CA GLY B 237 1.16 -8.11 -34.01
C GLY B 237 2.64 -8.47 -34.00
N MET B 238 3.20 -8.72 -35.18
CA MET B 238 4.61 -9.12 -35.32
C MET B 238 5.56 -7.98 -34.94
N ASN B 239 5.05 -6.75 -34.93
CA ASN B 239 5.87 -5.59 -34.59
C ASN B 239 6.02 -5.40 -33.08
N CYS B 240 5.36 -6.26 -32.30
CA CYS B 240 5.42 -6.18 -30.83
C CYS B 240 6.76 -6.71 -30.33
N LEU B 241 7.45 -5.89 -29.53
CA LEU B 241 8.79 -6.22 -29.06
C LEU B 241 8.72 -7.19 -27.90
N ILE B 242 9.49 -8.27 -27.99
CA ILE B 242 9.47 -9.32 -26.98
C ILE B 242 10.87 -9.55 -26.45
N GLN B 243 11.12 -9.05 -25.23
CA GLN B 243 12.44 -9.14 -24.64
C GLN B 243 12.55 -10.24 -23.58
N PHE B 244 13.50 -11.15 -23.76
CA PHE B 244 13.76 -12.20 -22.79
C PHE B 244 14.67 -11.67 -21.70
N GLU B 245 14.43 -12.12 -20.46
CA GLU B 245 15.21 -11.67 -19.31
C GLU B 245 15.41 -12.81 -18.32
N ASP B 246 16.62 -12.93 -17.79
CA ASP B 246 16.93 -13.84 -16.69
C ASP B 246 16.53 -15.30 -16.95
N PHE B 247 16.71 -15.74 -18.19
CA PHE B 247 16.59 -17.16 -18.52
C PHE B 247 17.92 -17.85 -18.24
N ALA B 248 17.89 -19.17 -18.05
CA ALA B 248 19.11 -19.94 -17.84
C ALA B 248 20.00 -19.85 -19.07
N ASN B 249 21.28 -20.12 -18.88
CA ASN B 249 22.31 -19.92 -19.91
C ASN B 249 22.01 -20.61 -21.24
N VAL B 250 21.74 -21.91 -21.19
CA VAL B 250 21.53 -22.69 -22.40
C VAL B 250 20.24 -22.26 -23.11
N ASN B 251 19.15 -22.10 -22.35
CA ASN B 251 17.87 -21.71 -22.93
C ASN B 251 17.93 -20.33 -23.57
N ALA B 252 18.63 -19.40 -22.91
CA ALA B 252 18.69 -18.02 -23.36
C ALA B 252 19.29 -17.94 -24.77
N PHE B 253 20.34 -18.72 -25.00
CA PHE B 253 21.00 -18.72 -26.30
C PHE B 253 20.17 -19.47 -27.33
N ARG B 254 19.58 -20.59 -26.93
CA ARG B 254 18.81 -21.42 -27.85
C ARG B 254 17.59 -20.66 -28.36
N LEU B 255 16.88 -20.01 -27.45
CA LEU B 255 15.65 -19.31 -27.81
C LEU B 255 15.97 -18.09 -28.66
N LEU B 256 17.10 -17.44 -28.38
CA LEU B 256 17.47 -16.23 -29.09
C LEU B 256 17.77 -16.53 -30.56
N ASN B 257 18.56 -17.56 -30.82
CA ASN B 257 18.89 -17.96 -32.18
C ASN B 257 17.68 -18.56 -32.90
N LYS B 258 16.72 -19.06 -32.12
CA LYS B 258 15.56 -19.70 -32.71
C LYS B 258 14.50 -18.68 -33.15
N TYR B 259 14.43 -17.55 -32.46
CA TYR B 259 13.36 -16.58 -32.67
C TYR B 259 13.79 -15.24 -33.26
N ARG B 260 15.07 -14.91 -33.20
CA ARG B 260 15.50 -13.54 -33.52
C ARG B 260 15.30 -13.16 -34.99
N ASN B 261 15.22 -14.17 -35.86
CA ASN B 261 15.05 -13.89 -37.29
C ASN B 261 13.58 -13.78 -37.69
N GLN B 262 12.70 -14.42 -36.93
CA GLN B 262 11.27 -14.44 -37.24
C GLN B 262 10.46 -13.44 -36.41
N TYR B 263 10.86 -13.24 -35.16
CA TYR B 263 10.13 -12.36 -34.25
C TYR B 263 10.95 -11.14 -33.86
N CYS B 264 10.27 -10.06 -33.52
CA CYS B 264 10.93 -8.83 -33.06
C CYS B 264 11.32 -9.05 -31.60
N THR B 265 12.49 -9.63 -31.39
CA THR B 265 12.90 -10.09 -30.06
C THR B 265 14.39 -9.90 -29.78
N PHE B 266 14.74 -9.80 -28.50
CA PHE B 266 16.15 -9.77 -28.09
C PHE B 266 16.29 -10.11 -26.60
N ASN B 267 17.47 -10.58 -26.23
CA ASN B 267 17.78 -10.90 -24.84
C ASN B 267 18.69 -9.83 -24.26
N ASP B 268 18.23 -9.16 -23.21
CA ASP B 268 18.98 -8.03 -22.66
C ASP B 268 20.25 -8.46 -21.94
N ASP B 269 20.20 -9.59 -21.24
CA ASP B 269 21.34 -10.06 -20.46
C ASP B 269 22.54 -10.30 -21.37
N ILE B 270 22.27 -10.68 -22.61
CA ILE B 270 23.30 -10.98 -23.60
C ILE B 270 23.58 -9.78 -24.49
N GLN B 271 22.55 -9.31 -25.18
CA GLN B 271 22.71 -8.27 -26.18
C GLN B 271 22.76 -6.88 -25.56
N GLY B 272 22.00 -6.68 -24.49
CA GLY B 272 21.97 -5.40 -23.79
C GLY B 272 23.29 -5.13 -23.10
N THR B 273 23.78 -6.13 -22.37
CA THR B 273 25.04 -6.01 -21.65
C THR B 273 26.19 -5.83 -22.65
N ALA B 274 26.09 -6.48 -23.80
CA ALA B 274 27.11 -6.40 -24.82
C ALA B 274 27.24 -4.96 -25.34
N SER B 275 26.10 -4.34 -25.61
CA SER B 275 26.06 -2.98 -26.13
C SER B 275 26.70 -1.99 -25.14
N VAL B 276 26.34 -2.10 -23.86
CA VAL B 276 26.85 -1.17 -22.84
C VAL B 276 28.35 -1.40 -22.59
N ALA B 277 28.80 -2.64 -22.66
CA ALA B 277 30.21 -2.96 -22.44
C ALA B 277 31.05 -2.39 -23.58
N VAL B 278 30.56 -2.57 -24.80
CA VAL B 278 31.25 -2.09 -25.99
C VAL B 278 31.29 -0.57 -26.00
N ALA B 279 30.20 0.05 -25.55
CA ALA B 279 30.13 1.51 -25.46
C ALA B 279 31.25 2.04 -24.56
N GLY B 280 31.48 1.37 -23.44
CA GLY B 280 32.52 1.77 -22.52
C GLY B 280 33.90 1.65 -23.11
N LEU B 281 34.10 0.64 -23.96
CA LEU B 281 35.37 0.45 -24.64
C LEU B 281 35.61 1.54 -25.68
N LEU B 282 34.59 1.84 -26.47
CA LEU B 282 34.70 2.89 -27.48
C LEU B 282 35.09 4.20 -26.81
N ALA B 283 34.50 4.45 -25.64
CA ALA B 283 34.80 5.65 -24.90
C ALA B 283 36.26 5.61 -24.47
N ALA B 284 36.71 4.45 -23.99
CA ALA B 284 38.08 4.28 -23.50
C ALA B 284 39.12 4.48 -24.59
N LEU B 285 38.77 4.15 -25.83
CA LEU B 285 39.69 4.29 -26.96
C LEU B 285 40.09 5.74 -27.15
N ARG B 286 39.20 6.65 -26.79
CA ARG B 286 39.49 8.08 -26.90
C ARG B 286 40.45 8.54 -25.79
N ILE B 287 40.85 7.61 -24.93
CA ILE B 287 41.83 7.87 -23.89
C ILE B 287 43.14 7.16 -24.23
N THR B 288 43.02 5.90 -24.65
CA THR B 288 44.19 5.16 -25.09
C THR B 288 44.67 5.68 -26.45
N LYS B 289 43.75 6.31 -27.17
CA LYS B 289 44.06 6.90 -28.48
C LYS B 289 44.62 5.88 -29.45
N ASN B 290 44.10 4.66 -29.39
CA ASN B 290 44.36 3.63 -30.38
C ASN B 290 43.03 3.04 -30.83
N LYS B 291 43.09 2.11 -31.77
CA LYS B 291 41.86 1.51 -32.30
C LYS B 291 41.59 0.16 -31.66
N LEU B 292 40.38 -0.33 -31.86
CA LEU B 292 39.92 -1.56 -31.23
C LEU B 292 40.69 -2.79 -31.73
N SER B 293 41.25 -2.70 -32.94
CA SER B 293 42.03 -3.79 -33.52
C SER B 293 43.40 -3.92 -32.84
N ASP B 294 43.76 -2.92 -32.04
CA ASP B 294 45.04 -2.92 -31.33
C ASP B 294 44.91 -3.59 -29.97
N GLN B 295 43.68 -3.92 -29.59
CA GLN B 295 43.39 -4.39 -28.23
C GLN B 295 43.51 -5.91 -28.12
N THR B 296 43.75 -6.36 -26.88
CA THR B 296 43.77 -7.78 -26.54
C THR B 296 42.91 -7.95 -25.30
N ILE B 297 41.76 -8.59 -25.48
CA ILE B 297 40.74 -8.66 -24.43
C ILE B 297 40.74 -9.98 -23.67
N LEU B 298 40.77 -9.89 -22.35
CA LEU B 298 40.63 -11.06 -21.49
C LEU B 298 39.36 -10.95 -20.64
N PHE B 299 38.48 -11.93 -20.78
CA PHE B 299 37.24 -11.98 -20.01
C PHE B 299 37.36 -12.92 -18.83
N GLN B 300 37.02 -12.43 -17.64
CA GLN B 300 36.74 -13.32 -16.52
C GLN B 300 35.24 -13.59 -16.48
N GLY B 301 34.85 -14.77 -16.92
CA GLY B 301 33.46 -15.14 -17.10
C GLY B 301 33.24 -15.57 -18.54
N ALA B 302 32.34 -16.53 -18.74
CA ALA B 302 32.05 -17.06 -20.08
C ALA B 302 30.58 -17.42 -20.20
N GLY B 303 29.73 -16.61 -19.54
CA GLY B 303 28.29 -16.85 -19.54
C GLY B 303 27.58 -16.03 -20.60
N GLU B 304 26.33 -15.68 -20.30
CA GLU B 304 25.49 -14.94 -21.25
C GLU B 304 26.05 -13.55 -21.56
N ALA B 305 26.54 -12.86 -20.54
CA ALA B 305 27.04 -11.49 -20.71
C ALA B 305 28.36 -11.50 -21.46
N ALA B 306 29.31 -12.30 -20.98
CA ALA B 306 30.65 -12.35 -21.56
C ALA B 306 30.62 -12.71 -23.04
N LEU B 307 29.89 -13.77 -23.37
CA LEU B 307 29.83 -14.25 -24.75
C LEU B 307 29.13 -13.24 -25.65
N GLY B 308 28.14 -12.54 -25.09
CA GLY B 308 27.44 -11.51 -25.82
C GLY B 308 28.34 -10.34 -26.13
N ILE B 309 29.07 -9.88 -25.11
CA ILE B 309 30.03 -8.79 -25.26
C ILE B 309 31.10 -9.18 -26.28
N ALA B 310 31.62 -10.39 -26.13
CA ALA B 310 32.67 -10.91 -27.00
C ALA B 310 32.18 -10.93 -28.44
N HIS B 311 30.95 -11.37 -28.65
CA HIS B 311 30.40 -11.46 -30.01
C HIS B 311 30.30 -10.08 -30.64
N LEU B 312 29.96 -9.07 -29.83
CA LEU B 312 29.71 -7.73 -30.35
C LEU B 312 31.01 -6.98 -30.62
N ILE B 313 32.07 -7.32 -29.89
CA ILE B 313 33.39 -6.77 -30.16
C ILE B 313 33.87 -7.21 -31.55
N VAL B 314 33.61 -8.47 -31.88
CA VAL B 314 34.01 -9.01 -33.19
C VAL B 314 33.31 -8.23 -34.30
N MET B 315 32.02 -7.95 -34.11
CA MET B 315 31.25 -7.19 -35.09
C MET B 315 31.86 -5.80 -35.29
N ALA B 316 32.28 -5.19 -34.19
CA ALA B 316 32.88 -3.87 -34.24
C ALA B 316 34.22 -3.94 -34.98
N LEU B 317 34.95 -5.03 -34.75
CA LEU B 317 36.21 -5.25 -35.44
C LEU B 317 35.99 -5.49 -36.93
N GLU B 318 34.98 -6.29 -37.26
CA GLU B 318 34.63 -6.55 -38.64
C GLU B 318 34.29 -5.25 -39.36
N LYS B 319 33.74 -4.30 -38.62
CA LYS B 319 33.33 -3.02 -39.18
C LYS B 319 34.54 -2.17 -39.54
N GLU B 320 35.65 -2.39 -38.83
CA GLU B 320 36.88 -1.66 -39.09
C GLU B 320 37.56 -2.12 -40.38
N GLY B 321 37.56 -3.43 -40.62
CA GLY B 321 38.15 -3.98 -41.83
C GLY B 321 38.63 -5.41 -41.70
N LEU B 322 38.80 -5.88 -40.47
CA LEU B 322 39.26 -7.25 -40.23
C LEU B 322 38.20 -8.26 -40.70
N PRO B 323 38.65 -9.48 -41.05
CA PRO B 323 37.70 -10.58 -41.29
C PRO B 323 37.17 -11.11 -39.96
N LYS B 324 36.47 -12.24 -39.96
CA LYS B 324 35.97 -12.81 -38.72
C LYS B 324 37.04 -13.58 -37.94
N GLU B 325 37.93 -14.25 -38.66
CA GLU B 325 38.89 -15.18 -38.04
C GLU B 325 39.98 -14.48 -37.22
N LYS B 326 40.53 -13.40 -37.76
CA LYS B 326 41.59 -12.64 -37.10
C LYS B 326 41.09 -11.95 -35.81
N ALA B 327 39.88 -11.39 -35.88
CA ALA B 327 39.30 -10.64 -34.77
C ALA B 327 39.03 -11.53 -33.57
N ILE B 328 38.69 -12.79 -33.86
CA ILE B 328 38.41 -13.78 -32.83
C ILE B 328 39.61 -14.04 -31.92
N LYS B 329 40.81 -13.99 -32.51
CA LYS B 329 42.03 -14.37 -31.78
C LYS B 329 42.49 -13.29 -30.80
N LYS B 330 41.85 -12.13 -30.84
CA LYS B 330 42.18 -11.04 -29.94
C LYS B 330 41.39 -11.16 -28.62
N ILE B 331 40.46 -12.11 -28.58
CA ILE B 331 39.57 -12.29 -27.43
C ILE B 331 39.84 -13.63 -26.73
N TRP B 332 39.97 -13.58 -25.41
CA TRP B 332 40.22 -14.77 -24.59
C TRP B 332 39.20 -14.85 -23.46
N LEU B 333 38.76 -16.08 -23.18
CA LEU B 333 37.73 -16.32 -22.16
C LEU B 333 38.25 -17.24 -21.06
N VAL B 334 37.79 -16.98 -19.85
CA VAL B 334 38.08 -17.83 -18.70
C VAL B 334 36.78 -18.13 -17.97
N ASP B 335 36.59 -19.38 -17.57
CA ASP B 335 35.43 -19.77 -16.76
C ASP B 335 35.91 -20.51 -15.51
N SER B 336 34.97 -21.15 -14.81
CA SER B 336 35.27 -21.79 -13.53
C SER B 336 36.25 -22.94 -13.67
N LYS B 337 36.35 -23.50 -14.87
CA LYS B 337 37.24 -24.62 -15.13
C LYS B 337 38.58 -24.15 -15.69
N GLY B 338 38.70 -22.84 -15.90
CA GLY B 338 39.96 -22.22 -16.30
C GLY B 338 39.88 -21.58 -17.67
N LEU B 339 41.04 -21.36 -18.29
CA LEU B 339 41.12 -20.73 -19.60
C LEU B 339 40.42 -21.59 -20.64
N ILE B 340 39.83 -20.94 -21.64
CA ILE B 340 39.11 -21.63 -22.70
C ILE B 340 40.01 -21.74 -23.93
N VAL B 341 40.44 -22.96 -24.21
CA VAL B 341 41.37 -23.24 -25.29
C VAL B 341 40.94 -24.46 -26.07
N LYS B 342 41.55 -24.67 -27.23
CA LYS B 342 41.21 -25.79 -28.09
C LYS B 342 41.56 -27.10 -27.40
N GLY B 343 40.58 -28.01 -27.35
CA GLY B 343 40.79 -29.35 -26.85
C GLY B 343 40.21 -29.58 -25.47
N ARG B 344 40.07 -28.50 -24.70
CA ARG B 344 39.64 -28.62 -23.31
C ARG B 344 38.25 -29.24 -23.20
N ALA B 345 38.01 -29.94 -22.09
CA ALA B 345 36.71 -30.56 -21.83
C ALA B 345 35.72 -29.50 -21.35
N SER B 346 34.46 -29.90 -21.23
CA SER B 346 33.41 -29.05 -20.67
C SER B 346 33.24 -27.74 -21.46
N LEU B 347 33.25 -27.85 -22.79
CA LEU B 347 33.02 -26.70 -23.67
C LEU B 347 31.63 -26.74 -24.27
N THR B 348 31.21 -25.62 -24.83
CA THR B 348 29.88 -25.48 -25.41
C THR B 348 29.99 -25.04 -26.87
N GLN B 349 28.88 -24.56 -27.41
CA GLN B 349 28.82 -24.12 -28.81
C GLN B 349 29.50 -22.77 -28.98
N GLU B 350 29.12 -21.81 -28.15
CA GLU B 350 29.64 -20.44 -28.26
C GLU B 350 31.04 -20.31 -27.69
N LYS B 351 31.39 -21.15 -26.71
CA LYS B 351 32.71 -21.11 -26.10
C LYS B 351 33.79 -21.63 -27.05
N GLU B 352 33.50 -22.75 -27.69
CA GLU B 352 34.41 -23.36 -28.65
C GLU B 352 34.79 -22.37 -29.76
N LYS B 353 33.87 -21.44 -30.05
CA LYS B 353 34.09 -20.43 -31.07
C LYS B 353 35.26 -19.50 -30.72
N PHE B 354 35.65 -19.50 -29.45
CA PHE B 354 36.78 -18.70 -28.96
C PHE B 354 37.89 -19.58 -28.36
N ALA B 355 37.84 -20.87 -28.64
CA ALA B 355 38.81 -21.81 -28.09
C ALA B 355 40.07 -21.87 -28.94
N HIS B 356 41.06 -21.05 -28.59
CA HIS B 356 42.31 -20.98 -29.34
C HIS B 356 43.24 -22.12 -28.95
N GLU B 357 44.16 -22.45 -29.84
CA GLU B 357 45.15 -23.48 -29.55
C GLU B 357 46.13 -22.90 -28.54
N HIS B 358 46.12 -23.47 -27.33
CA HIS B 358 46.96 -22.96 -26.25
C HIS B 358 46.93 -23.95 -25.09
N GLU B 359 48.04 -24.03 -24.35
CA GLU B 359 48.11 -24.90 -23.17
C GLU B 359 47.04 -24.47 -22.17
N GLU B 360 46.47 -25.43 -21.45
CA GLU B 360 45.44 -25.14 -20.47
C GLU B 360 46.01 -24.33 -19.31
N MET B 361 45.16 -23.49 -18.71
CA MET B 361 45.54 -22.69 -17.55
C MET B 361 44.32 -22.53 -16.66
N LYS B 362 44.56 -22.24 -15.39
CA LYS B 362 43.48 -22.12 -14.41
C LYS B 362 43.66 -20.88 -13.54
N ASN B 363 44.90 -20.60 -13.15
CA ASN B 363 45.20 -19.46 -12.29
C ASN B 363 45.11 -18.14 -13.07
N LEU B 364 44.25 -17.24 -12.61
CA LEU B 364 43.98 -16.01 -13.32
C LEU B 364 45.18 -15.07 -13.41
N GLU B 365 46.01 -15.03 -12.38
CA GLU B 365 47.23 -14.23 -12.40
C GLU B 365 48.13 -14.68 -13.55
N ALA B 366 48.30 -15.98 -13.68
CA ALA B 366 49.19 -16.56 -14.69
C ALA B 366 48.61 -16.34 -16.08
N ILE B 367 47.29 -16.47 -16.19
CA ILE B 367 46.60 -16.24 -17.45
C ILE B 367 46.85 -14.81 -17.93
N VAL B 368 46.76 -13.86 -17.00
CA VAL B 368 47.02 -12.45 -17.32
C VAL B 368 48.46 -12.27 -17.77
N GLN B 369 49.38 -12.85 -17.01
CA GLN B 369 50.81 -12.71 -17.28
C GLN B 369 51.18 -13.25 -18.66
N GLU B 370 50.51 -14.32 -19.08
CA GLU B 370 50.79 -14.95 -20.36
C GLU B 370 50.23 -14.13 -21.52
N ILE B 371 48.95 -13.76 -21.41
CA ILE B 371 48.24 -13.12 -22.52
C ILE B 371 48.60 -11.65 -22.63
N LYS B 372 48.88 -11.02 -21.49
CA LYS B 372 49.28 -9.62 -21.43
C LYS B 372 48.24 -8.73 -22.13
N PRO B 373 46.98 -8.79 -21.66
CA PRO B 373 45.87 -8.12 -22.34
C PRO B 373 45.86 -6.63 -22.09
N THR B 374 45.21 -5.89 -22.99
CA THR B 374 45.03 -4.46 -22.82
C THR B 374 43.79 -4.19 -21.98
N ALA B 375 42.74 -4.98 -22.23
CA ALA B 375 41.46 -4.84 -21.54
C ALA B 375 41.13 -6.10 -20.75
N LEU B 376 40.83 -5.92 -19.48
CA LEU B 376 40.45 -7.01 -18.61
C LEU B 376 39.00 -6.80 -18.17
N ILE B 377 38.12 -7.72 -18.54
CA ILE B 377 36.69 -7.58 -18.23
C ILE B 377 36.19 -8.73 -17.35
N GLY B 378 35.52 -8.37 -16.26
CA GLY B 378 35.03 -9.35 -15.30
C GLY B 378 33.51 -9.33 -15.19
N VAL B 379 32.90 -10.50 -15.34
CA VAL B 379 31.46 -10.65 -15.26
C VAL B 379 31.09 -12.02 -14.69
N ALA B 380 31.90 -12.51 -13.76
CA ALA B 380 31.73 -13.84 -13.18
C ALA B 380 31.26 -13.76 -11.74
N ALA B 381 31.05 -12.55 -11.26
CA ALA B 381 30.56 -12.32 -9.90
C ALA B 381 31.45 -12.96 -8.85
N ILE B 382 32.76 -12.72 -8.97
CA ILE B 382 33.74 -13.22 -8.00
C ILE B 382 34.47 -12.03 -7.39
N GLY B 383 34.05 -11.63 -6.20
CA GLY B 383 34.62 -10.48 -5.52
C GLY B 383 36.13 -10.58 -5.39
N GLY B 384 36.82 -9.46 -5.67
CA GLY B 384 38.25 -9.37 -5.47
C GLY B 384 39.09 -10.23 -6.40
N ALA B 385 38.49 -10.70 -7.49
CA ALA B 385 39.20 -11.54 -8.46
C ALA B 385 40.39 -10.80 -9.03
N PHE B 386 40.24 -9.49 -9.22
CA PHE B 386 41.33 -8.65 -9.69
C PHE B 386 42.22 -8.28 -8.50
N SER B 387 43.19 -9.16 -8.22
CA SER B 387 44.05 -9.02 -7.06
C SER B 387 45.04 -7.89 -7.26
N GLU B 388 45.77 -7.55 -6.19
CA GLU B 388 46.82 -6.55 -6.25
C GLU B 388 47.83 -6.89 -7.34
N GLN B 389 48.10 -8.18 -7.49
CA GLN B 389 49.08 -8.64 -8.48
C GLN B 389 48.56 -8.43 -9.90
N ILE B 390 47.31 -8.78 -10.15
CA ILE B 390 46.72 -8.62 -11.48
C ILE B 390 46.73 -7.15 -11.90
N LEU B 391 46.33 -6.27 -10.99
CA LEU B 391 46.31 -4.84 -11.26
C LEU B 391 47.72 -4.34 -11.50
N LYS B 392 48.67 -4.86 -10.74
CA LYS B 392 50.07 -4.48 -10.88
C LYS B 392 50.60 -4.89 -12.25
N ASP B 393 50.28 -6.10 -12.67
CA ASP B 393 50.71 -6.61 -13.97
C ASP B 393 50.11 -5.81 -15.11
N MET B 394 48.80 -5.57 -15.04
CA MET B 394 48.09 -4.83 -16.09
C MET B 394 48.70 -3.43 -16.27
N ALA B 395 49.13 -2.82 -15.16
CA ALA B 395 49.69 -1.47 -15.19
C ALA B 395 51.11 -1.47 -15.73
N ALA B 396 51.71 -2.66 -15.82
CA ALA B 396 53.06 -2.81 -16.35
C ALA B 396 53.02 -3.10 -17.85
N PHE B 397 52.10 -3.97 -18.25
CA PHE B 397 51.93 -4.34 -19.66
C PHE B 397 51.38 -3.17 -20.47
N ASN B 398 50.62 -2.30 -19.82
CA ASN B 398 49.94 -1.21 -20.49
C ASN B 398 50.18 0.14 -19.82
N GLU B 399 50.21 1.19 -20.61
CA GLU B 399 50.25 2.55 -20.08
C GLU B 399 48.91 2.86 -19.43
N ARG B 400 47.83 2.64 -20.17
CA ARG B 400 46.48 2.83 -19.66
C ARG B 400 45.70 1.50 -19.75
N PRO B 401 45.85 0.63 -18.75
CA PRO B 401 45.10 -0.63 -18.77
C PRO B 401 43.61 -0.40 -18.56
N ILE B 402 42.79 -1.05 -19.38
CA ILE B 402 41.35 -0.92 -19.28
C ILE B 402 40.82 -2.03 -18.37
N ILE B 403 40.15 -1.63 -17.29
CA ILE B 403 39.68 -2.56 -16.28
C ILE B 403 38.18 -2.39 -16.08
N PHE B 404 37.41 -3.38 -16.51
CA PHE B 404 35.97 -3.40 -16.28
C PHE B 404 35.64 -4.47 -15.25
N ALA B 405 35.24 -4.03 -14.06
CA ALA B 405 34.74 -4.92 -13.03
C ALA B 405 33.21 -4.78 -12.99
N LEU B 406 32.54 -5.47 -13.89
CA LEU B 406 31.12 -5.21 -14.15
C LEU B 406 30.17 -6.00 -13.26
N SER B 407 30.70 -6.86 -12.42
CA SER B 407 29.87 -7.75 -11.60
C SER B 407 29.16 -7.00 -10.48
N ASN B 408 28.04 -7.55 -10.03
CA ASN B 408 27.23 -6.93 -8.98
C ASN B 408 26.82 -7.93 -7.91
N PRO B 409 26.54 -7.43 -6.68
CA PRO B 409 26.73 -6.03 -6.26
C PRO B 409 28.19 -5.73 -5.93
N THR B 410 28.41 -4.67 -5.16
CA THR B 410 29.77 -4.26 -4.77
C THR B 410 30.55 -5.42 -4.14
N SER B 411 29.84 -6.27 -3.39
CA SER B 411 30.49 -7.37 -2.68
C SER B 411 31.00 -8.44 -3.63
N LYS B 412 30.48 -8.41 -4.86
CA LYS B 412 30.88 -9.35 -5.91
C LYS B 412 31.71 -8.65 -6.99
N ALA B 413 32.13 -7.42 -6.72
CA ALA B 413 32.93 -6.65 -7.67
C ALA B 413 34.37 -7.18 -7.71
N GLU B 414 34.88 -7.38 -8.92
CA GLU B 414 36.23 -7.92 -9.12
C GLU B 414 37.27 -7.07 -8.38
N CYS B 415 37.00 -5.77 -8.28
CA CYS B 415 37.84 -4.86 -7.51
C CYS B 415 37.09 -3.55 -7.28
N SER B 416 37.55 -2.77 -6.32
CA SER B 416 36.97 -1.45 -6.07
C SER B 416 37.71 -0.43 -6.92
N ALA B 417 37.08 0.72 -7.15
CA ALA B 417 37.72 1.81 -7.87
C ALA B 417 38.90 2.33 -7.07
N GLU B 418 38.80 2.22 -5.75
CA GLU B 418 39.84 2.72 -4.86
C GLU B 418 41.14 1.94 -5.03
N GLN B 419 41.04 0.62 -5.03
CA GLN B 419 42.22 -0.24 -5.11
C GLN B 419 42.75 -0.36 -6.54
N CYS B 420 41.86 -0.17 -7.51
CA CYS B 420 42.25 -0.26 -8.92
C CYS B 420 43.10 0.95 -9.32
N TYR B 421 42.59 2.14 -9.06
CA TYR B 421 43.31 3.37 -9.39
C TYR B 421 44.62 3.46 -8.62
N LYS B 422 44.58 3.12 -7.33
CA LYS B 422 45.74 3.23 -6.46
C LYS B 422 46.91 2.39 -6.97
N ILE B 423 46.66 1.10 -7.16
CA ILE B 423 47.70 0.16 -7.54
C ILE B 423 48.25 0.43 -8.93
N THR B 424 47.37 0.82 -9.85
CA THR B 424 47.79 1.18 -11.21
C THR B 424 48.28 2.63 -11.27
N LYS B 425 48.39 3.27 -10.10
CA LYS B 425 48.91 4.62 -9.99
C LYS B 425 48.11 5.62 -10.82
N GLY B 426 46.79 5.45 -10.80
CA GLY B 426 45.89 6.41 -11.41
C GLY B 426 45.83 6.31 -12.93
N ARG B 427 46.48 5.31 -13.50
CA ARG B 427 46.57 5.17 -14.95
C ARG B 427 45.48 4.27 -15.53
N ALA B 428 44.87 3.45 -14.66
CA ALA B 428 43.85 2.51 -15.13
C ALA B 428 42.61 3.25 -15.61
N ILE B 429 42.03 2.74 -16.69
CA ILE B 429 40.73 3.21 -17.17
C ILE B 429 39.72 2.23 -16.61
N PHE B 430 38.88 2.72 -15.68
CA PHE B 430 38.04 1.85 -14.87
C PHE B 430 36.54 2.08 -15.06
N ALA B 431 35.80 0.99 -15.16
CA ALA B 431 34.34 1.03 -15.13
C ALA B 431 33.84 -0.16 -14.33
N SER B 432 32.63 -0.05 -13.79
CA SER B 432 32.06 -1.11 -12.98
C SER B 432 30.56 -1.22 -13.25
N GLY B 433 29.96 -2.29 -12.75
CA GLY B 433 28.52 -2.47 -12.83
C GLY B 433 27.85 -1.86 -11.60
N SER B 434 28.55 -1.94 -10.47
CA SER B 434 28.09 -1.32 -9.24
C SER B 434 28.68 0.08 -9.15
N PRO B 435 28.02 0.97 -8.40
CA PRO B 435 28.48 2.37 -8.32
C PRO B 435 29.55 2.57 -7.24
N PHE B 436 30.66 3.19 -7.62
CA PHE B 436 31.70 3.54 -6.66
C PHE B 436 31.80 5.05 -6.57
N ASP B 437 32.11 5.56 -5.38
CA ASP B 437 32.29 6.98 -5.20
C ASP B 437 33.58 7.43 -5.88
N PRO B 438 33.67 8.72 -6.21
CA PRO B 438 34.89 9.28 -6.82
C PRO B 438 36.14 8.96 -6.01
N VAL B 439 37.26 8.83 -6.70
CA VAL B 439 38.54 8.57 -6.08
C VAL B 439 39.49 9.73 -6.42
N THR B 440 40.20 10.21 -5.42
CA THR B 440 41.13 11.31 -5.61
C THR B 440 42.56 10.79 -5.67
N LEU B 441 43.28 11.23 -6.69
CA LEU B 441 44.66 10.82 -6.91
C LEU B 441 45.63 11.75 -6.17
N PRO B 442 46.84 11.26 -5.88
CA PRO B 442 47.84 12.08 -5.18
C PRO B 442 48.27 13.31 -5.99
N ASN B 443 47.97 13.31 -7.30
CA ASN B 443 48.39 14.39 -8.18
C ASN B 443 47.35 15.50 -8.29
N GLY B 444 46.36 15.48 -7.39
CA GLY B 444 45.34 16.50 -7.35
C GLY B 444 44.07 16.10 -8.09
N GLN B 445 44.23 15.29 -9.13
CA GLN B 445 43.09 14.87 -9.95
C GLN B 445 42.13 13.98 -9.17
N THR B 446 40.84 14.15 -9.46
CA THR B 446 39.80 13.28 -8.94
C THR B 446 39.18 12.55 -10.11
N LEU B 447 39.00 11.25 -9.97
CA LEU B 447 38.41 10.43 -11.02
C LEU B 447 37.01 9.94 -10.63
N TYR B 448 36.07 10.02 -11.56
CA TYR B 448 34.67 9.64 -11.34
C TYR B 448 34.33 8.41 -12.16
N PRO B 449 34.66 7.22 -11.65
CA PRO B 449 34.38 6.00 -12.43
C PRO B 449 32.89 5.83 -12.71
N GLY B 450 32.55 5.57 -13.98
CA GLY B 450 31.17 5.44 -14.38
C GLY B 450 30.62 4.05 -14.14
N GLN B 451 29.37 3.84 -14.52
CA GLN B 451 28.66 2.60 -14.24
C GLN B 451 28.10 2.01 -15.53
N GLY B 452 28.36 0.73 -15.78
CA GLY B 452 27.91 0.08 -17.00
C GLY B 452 26.51 -0.50 -16.86
N ASN B 453 25.54 0.36 -16.55
CA ASN B 453 24.15 -0.07 -16.42
C ASN B 453 23.56 -0.48 -17.77
N ASN B 454 22.79 -1.56 -17.77
CA ASN B 454 22.04 -1.98 -18.94
C ASN B 454 20.97 -0.96 -19.31
N SER B 455 20.60 -0.11 -18.35
CA SER B 455 19.55 0.87 -18.58
C SER B 455 19.96 1.93 -19.60
N TYR B 456 21.25 2.00 -19.93
CA TYR B 456 21.70 2.90 -20.97
C TYR B 456 21.20 2.44 -22.34
N VAL B 457 20.88 1.15 -22.44
CA VAL B 457 20.69 0.52 -23.74
C VAL B 457 19.24 0.17 -24.05
N PHE B 458 18.63 -0.69 -23.24
CA PHE B 458 17.33 -1.26 -23.61
C PHE B 458 16.18 -0.26 -23.77
N PRO B 459 16.18 0.84 -22.99
CA PRO B 459 15.05 1.76 -23.19
C PRO B 459 15.08 2.45 -24.55
N GLY B 460 16.24 2.97 -24.93
CA GLY B 460 16.39 3.66 -26.20
C GLY B 460 16.16 2.73 -27.39
N VAL B 461 16.72 1.52 -27.31
CA VAL B 461 16.55 0.53 -28.37
C VAL B 461 15.07 0.22 -28.57
N ALA B 462 14.39 -0.12 -27.47
CA ALA B 462 12.99 -0.50 -27.51
C ALA B 462 12.15 0.63 -28.12
N LEU B 463 12.43 1.87 -27.74
CA LEU B 463 11.71 3.00 -28.27
C LEU B 463 11.95 3.12 -29.78
N GLY B 464 13.21 2.96 -30.18
CA GLY B 464 13.61 3.07 -31.57
C GLY B 464 12.98 2.00 -32.45
N VAL B 465 13.11 0.75 -32.02
CA VAL B 465 12.55 -0.39 -32.75
C VAL B 465 11.06 -0.22 -32.97
N VAL B 466 10.35 0.18 -31.93
CA VAL B 466 8.89 0.25 -31.96
C VAL B 466 8.39 1.44 -32.78
N ALA B 467 9.07 2.58 -32.66
CA ALA B 467 8.62 3.81 -33.30
C ALA B 467 8.67 3.72 -34.83
N CYS B 468 9.64 2.97 -35.35
CA CYS B 468 9.80 2.82 -36.80
C CYS B 468 9.31 1.45 -37.29
N GLY B 469 8.75 0.65 -36.37
CA GLY B 469 8.14 -0.61 -36.73
C GLY B 469 9.13 -1.63 -37.26
N LEU B 470 10.32 -1.64 -36.68
CA LEU B 470 11.36 -2.57 -37.10
C LEU B 470 10.97 -4.00 -36.72
N ARG B 471 11.05 -4.92 -37.69
CA ARG B 471 10.59 -6.29 -37.49
C ARG B 471 11.66 -7.19 -36.88
N GLN B 472 12.92 -6.85 -37.12
CA GLN B 472 14.06 -7.64 -36.64
C GLN B 472 15.06 -6.75 -35.93
N ILE B 473 15.69 -7.28 -34.89
CA ILE B 473 16.71 -6.55 -34.14
C ILE B 473 18.07 -7.19 -34.36
N THR B 474 18.87 -6.60 -35.23
CA THR B 474 20.17 -7.14 -35.59
C THR B 474 21.24 -6.73 -34.58
N ASP B 475 22.39 -7.39 -34.65
CA ASP B 475 23.53 -7.04 -33.81
C ASP B 475 23.98 -5.62 -34.10
N ASN B 476 23.74 -5.17 -35.33
CA ASN B 476 24.19 -3.86 -35.76
C ASN B 476 23.42 -2.75 -35.05
N ILE B 477 22.21 -3.06 -34.59
CA ILE B 477 21.42 -2.09 -33.83
C ILE B 477 22.17 -1.80 -32.52
N PHE B 478 22.76 -2.85 -31.95
CA PHE B 478 23.42 -2.74 -30.65
C PHE B 478 24.80 -2.11 -30.77
N LEU B 479 25.52 -2.46 -31.83
CA LEU B 479 26.81 -1.83 -32.11
C LEU B 479 26.61 -0.32 -32.31
N THR B 480 25.66 0.04 -33.15
CA THR B 480 25.37 1.44 -33.46
C THR B 480 24.91 2.17 -32.20
N THR B 481 24.13 1.49 -31.38
CA THR B 481 23.71 2.05 -30.11
C THR B 481 24.93 2.33 -29.23
N ALA B 482 25.85 1.37 -29.16
CA ALA B 482 27.08 1.53 -28.38
C ALA B 482 27.89 2.75 -28.85
N GLU B 483 27.89 2.99 -30.15
CA GLU B 483 28.56 4.15 -30.71
C GLU B 483 27.89 5.44 -30.23
N VAL B 484 26.56 5.47 -30.32
CA VAL B 484 25.78 6.63 -29.88
C VAL B 484 26.05 6.97 -28.42
N ILE B 485 26.13 5.95 -27.58
CA ILE B 485 26.33 6.16 -26.15
C ILE B 485 27.70 6.78 -25.89
N ALA B 486 28.72 6.23 -26.56
CA ALA B 486 30.09 6.73 -26.40
C ALA B 486 30.21 8.15 -26.93
N GLN B 487 29.46 8.44 -27.99
CA GLN B 487 29.48 9.77 -28.61
C GLN B 487 28.92 10.84 -27.68
N GLN B 488 28.17 10.41 -26.67
CA GLN B 488 27.57 11.34 -25.72
C GLN B 488 28.53 11.68 -24.57
N VAL B 489 29.65 11.00 -24.51
CA VAL B 489 30.67 11.31 -23.51
C VAL B 489 31.60 12.39 -24.06
N SER B 490 31.75 13.48 -23.32
CA SER B 490 32.61 14.57 -23.74
C SER B 490 34.06 14.24 -23.43
N ASP B 491 34.98 14.94 -24.08
CA ASP B 491 36.40 14.79 -23.81
C ASP B 491 36.69 15.10 -22.34
N LYS B 492 35.97 16.08 -21.80
CA LYS B 492 36.14 16.47 -20.39
C LYS B 492 35.83 15.30 -19.45
N HIS B 493 34.75 14.59 -19.74
CA HIS B 493 34.32 13.47 -18.91
C HIS B 493 35.34 12.35 -18.89
N LEU B 494 36.03 12.16 -20.02
CA LEU B 494 37.03 11.10 -20.13
C LEU B 494 38.26 11.43 -19.30
N GLU B 495 38.63 12.71 -19.27
CA GLU B 495 39.76 13.15 -18.47
C GLU B 495 39.39 13.14 -16.98
N GLU B 496 38.08 13.13 -16.71
CA GLU B 496 37.57 12.93 -15.36
C GLU B 496 37.45 11.44 -15.04
N GLY B 497 37.68 10.59 -16.04
CA GLY B 497 37.65 9.15 -15.83
C GLY B 497 36.30 8.49 -16.06
N ARG B 498 35.35 9.24 -16.62
CA ARG B 498 34.02 8.70 -16.91
C ARG B 498 33.98 8.09 -18.31
N LEU B 499 33.54 6.85 -18.41
CA LEU B 499 33.38 6.19 -19.70
C LEU B 499 31.92 6.22 -20.18
N TYR B 500 31.03 6.75 -19.35
CA TYR B 500 29.61 6.81 -19.67
C TYR B 500 29.06 8.19 -19.35
N PRO B 501 27.97 8.58 -20.03
CA PRO B 501 27.36 9.87 -19.69
C PRO B 501 26.69 9.79 -18.32
N PRO B 502 26.41 10.96 -17.70
CA PRO B 502 25.71 10.97 -16.40
C PRO B 502 24.37 10.27 -16.49
N LEU B 503 24.06 9.44 -15.51
CA LEU B 503 22.80 8.71 -15.47
C LEU B 503 21.59 9.64 -15.52
N ASN B 504 21.74 10.83 -14.95
CA ASN B 504 20.64 11.79 -14.89
C ASN B 504 20.25 12.33 -16.28
N THR B 505 21.08 12.04 -17.29
CA THR B 505 20.78 12.44 -18.66
C THR B 505 20.32 11.23 -19.49
N ILE B 506 19.95 10.15 -18.81
CA ILE B 506 19.53 8.92 -19.48
C ILE B 506 18.36 9.15 -20.45
N ARG B 507 17.48 10.09 -20.11
CA ARG B 507 16.36 10.42 -20.98
C ARG B 507 16.85 10.79 -22.37
N ASP B 508 17.75 11.77 -22.43
CA ASP B 508 18.24 12.27 -23.70
C ASP B 508 19.09 11.24 -24.43
N VAL B 509 19.83 10.43 -23.68
CA VAL B 509 20.61 9.35 -24.27
C VAL B 509 19.68 8.38 -25.01
N SER B 510 18.59 8.00 -24.36
CA SER B 510 17.61 7.11 -24.97
C SER B 510 17.04 7.72 -26.24
N LEU B 511 16.78 9.03 -26.21
CA LEU B 511 16.30 9.73 -27.39
C LEU B 511 17.28 9.60 -28.57
N LYS B 512 18.53 10.01 -28.35
CA LYS B 512 19.55 10.00 -29.41
C LYS B 512 19.81 8.58 -29.93
N ILE B 513 19.60 7.58 -29.09
CA ILE B 513 19.68 6.19 -29.51
C ILE B 513 18.52 5.88 -30.44
N ALA B 514 17.31 6.18 -29.99
CA ALA B 514 16.11 5.93 -30.77
C ALA B 514 16.16 6.65 -32.12
N GLU B 515 16.70 7.87 -32.11
CA GLU B 515 16.84 8.68 -33.32
C GLU B 515 17.63 7.93 -34.37
N LYS B 516 18.82 7.47 -33.99
CA LYS B 516 19.72 6.80 -34.91
C LYS B 516 19.04 5.60 -35.55
N ILE B 517 18.43 4.77 -34.71
CA ILE B 517 17.74 3.57 -35.17
C ILE B 517 16.70 3.93 -36.23
N VAL B 518 15.87 4.94 -35.93
CA VAL B 518 14.82 5.39 -36.86
C VAL B 518 15.42 5.92 -38.17
N LYS B 519 16.37 6.84 -38.04
CA LYS B 519 17.03 7.40 -39.21
C LYS B 519 17.62 6.31 -40.09
N ASP B 520 18.30 5.36 -39.46
CA ASP B 520 18.94 4.29 -40.20
C ASP B 520 17.91 3.37 -40.86
N ALA B 521 16.82 3.10 -40.14
CA ALA B 521 15.82 2.14 -40.61
C ALA B 521 15.08 2.67 -41.84
N TYR B 522 14.83 3.98 -41.88
CA TYR B 522 14.14 4.58 -43.01
C TYR B 522 15.08 4.67 -44.22
N GLN B 523 16.36 4.90 -43.95
CA GLN B 523 17.34 5.00 -45.02
C GLN B 523 17.66 3.63 -45.61
N GLU B 524 17.82 2.64 -44.74
CA GLU B 524 18.14 1.29 -45.15
C GLU B 524 16.90 0.51 -45.58
N LYS B 525 15.74 1.17 -45.54
CA LYS B 525 14.47 0.53 -45.89
C LYS B 525 14.22 -0.74 -45.08
N THR B 526 14.11 -0.57 -43.76
CA THR B 526 13.75 -1.67 -42.86
C THR B 526 12.57 -1.27 -41.97
N ALA B 527 12.17 0.00 -42.06
CA ALA B 527 11.04 0.50 -41.29
C ALA B 527 9.73 0.09 -41.95
N THR B 528 8.68 -0.08 -41.14
CA THR B 528 7.37 -0.48 -41.63
C THR B 528 6.32 0.57 -41.31
N VAL B 529 6.70 1.58 -40.54
CA VAL B 529 5.80 2.69 -40.24
C VAL B 529 5.88 3.73 -41.34
N TYR B 530 4.73 4.09 -41.89
CA TYR B 530 4.65 5.11 -42.93
C TYR B 530 3.40 5.97 -42.74
N PRO B 531 3.41 7.19 -43.31
CA PRO B 531 4.47 7.78 -44.13
C PRO B 531 5.76 8.10 -43.36
N GLU B 532 6.87 8.18 -44.08
CA GLU B 532 8.16 8.52 -43.48
C GLU B 532 8.12 9.96 -42.99
N PRO B 533 8.44 10.19 -41.70
CA PRO B 533 8.43 11.57 -41.19
C PRO B 533 9.60 12.38 -41.74
N GLN B 534 9.42 13.69 -41.86
CA GLN B 534 10.48 14.56 -42.38
C GLN B 534 11.53 14.81 -41.29
N ASN B 535 11.06 15.03 -40.08
CA ASN B 535 11.94 15.23 -38.93
C ASN B 535 11.91 14.01 -38.00
N LYS B 536 12.98 13.23 -38.01
CA LYS B 536 13.05 12.02 -37.21
C LYS B 536 13.11 12.31 -35.71
N GLU B 537 13.78 13.38 -35.34
CA GLU B 537 13.91 13.78 -33.94
C GLU B 537 12.54 14.06 -33.34
N ALA B 538 11.77 14.92 -34.01
CA ALA B 538 10.45 15.32 -33.55
C ALA B 538 9.50 14.12 -33.56
N PHE B 539 9.75 13.21 -34.49
CA PHE B 539 8.93 12.01 -34.63
C PHE B 539 9.02 11.15 -33.38
N VAL B 540 10.26 10.91 -32.94
CA VAL B 540 10.49 10.09 -31.74
C VAL B 540 9.91 10.77 -30.50
N ARG B 541 10.21 12.06 -30.32
CA ARG B 541 9.70 12.82 -29.18
C ARG B 541 8.17 12.72 -29.10
N SER B 542 7.52 12.68 -30.25
CA SER B 542 6.06 12.63 -30.29
C SER B 542 5.55 11.28 -29.75
N GLN B 543 6.41 10.27 -29.78
CA GLN B 543 6.05 8.92 -29.34
C GLN B 543 6.41 8.68 -27.87
N MET B 544 7.09 9.63 -27.26
CA MET B 544 7.60 9.46 -25.89
C MET B 544 6.55 9.82 -24.85
N TYR B 545 6.44 8.96 -23.84
CA TYR B 545 5.48 9.12 -22.77
C TYR B 545 5.81 10.37 -21.97
N SER B 546 4.79 11.16 -21.65
CA SER B 546 4.93 12.31 -20.78
C SER B 546 4.36 12.00 -19.39
N THR B 547 4.94 12.62 -18.36
CA THR B 547 4.47 12.43 -16.99
C THR B 547 3.41 13.48 -16.64
N ASP B 548 3.15 14.42 -17.54
CA ASP B 548 2.06 15.37 -17.34
C ASP B 548 0.71 14.64 -17.39
N TYR B 549 -0.22 15.06 -16.55
CA TYR B 549 -1.56 14.48 -16.53
C TYR B 549 -2.23 14.74 -17.86
N ASP B 550 -2.89 13.72 -18.40
CA ASP B 550 -3.67 13.87 -19.60
C ASP B 550 -4.99 14.51 -19.26
N GLN B 551 -5.56 15.24 -20.21
CA GLN B 551 -6.93 15.69 -20.12
C GLN B 551 -7.80 14.47 -20.36
N ILE B 552 -8.85 14.31 -19.56
CA ILE B 552 -9.77 13.18 -19.73
C ILE B 552 -11.24 13.62 -19.71
N LEU B 553 -11.48 14.89 -19.44
CA LEU B 553 -12.80 15.48 -19.61
C LEU B 553 -13.18 15.46 -21.08
N PRO B 554 -14.49 15.53 -21.37
CA PRO B 554 -14.93 15.58 -22.76
C PRO B 554 -14.68 16.95 -23.37
N ASP B 555 -14.44 16.99 -24.68
CA ASP B 555 -14.21 18.23 -25.37
C ASP B 555 -15.52 19.00 -25.47
N CYS B 556 -15.58 20.16 -24.80
CA CYS B 556 -16.76 21.01 -24.85
C CYS B 556 -16.51 22.19 -25.79
N TYR B 557 -17.47 22.46 -26.67
CA TYR B 557 -17.37 23.58 -27.58
C TYR B 557 -18.75 23.87 -28.15
N SER B 558 -19.05 25.14 -28.35
CA SER B 558 -20.40 25.55 -28.74
C SER B 558 -20.53 25.57 -30.27
N TRP B 559 -21.77 25.72 -30.72
CA TRP B 559 -22.10 25.91 -32.12
C TRP B 559 -22.81 27.25 -32.20
N PRO B 560 -22.92 27.82 -33.41
CA PRO B 560 -23.75 29.01 -33.59
C PRO B 560 -25.15 28.81 -33.00
N GLU B 561 -25.67 29.86 -32.36
CA GLU B 561 -26.94 29.77 -31.64
C GLU B 561 -28.10 29.33 -32.53
N GLU B 562 -27.99 29.62 -33.82
CA GLU B 562 -29.07 29.36 -34.76
C GLU B 562 -29.34 27.86 -34.90
N VAL B 563 -28.27 27.08 -34.89
CA VAL B 563 -28.35 25.64 -35.15
C VAL B 563 -28.14 24.81 -33.88
N GLN B 564 -27.87 25.51 -32.78
CA GLN B 564 -27.70 24.88 -31.47
C GLN B 564 -29.04 24.85 -30.73
N LYS B 565 -29.90 25.79 -31.06
CA LYS B 565 -31.15 25.99 -30.33
C LYS B 565 -32.06 24.77 -30.40
N ILE B 566 -32.89 24.60 -29.36
CA ILE B 566 -33.87 23.54 -29.33
C ILE B 566 -35.07 23.97 -30.17
N GLN B 567 -35.41 23.16 -31.16
CA GLN B 567 -36.55 23.44 -32.00
C GLN B 567 -37.83 23.07 -31.26
N THR B 568 -38.86 23.90 -31.45
CA THR B 568 -40.13 23.72 -30.77
C THR B 568 -41.29 23.97 -31.73
N LYS B 569 -42.49 23.73 -31.27
CA LYS B 569 -43.69 23.92 -32.09
C LYS B 569 -43.91 25.40 -32.39
N VAL B 570 -43.81 25.76 -33.66
CA VAL B 570 -43.98 27.15 -34.09
C VAL B 570 -44.65 27.23 -35.46
#